data_5B47
#
_entry.id   5B47
#
_cell.length_a   100.673
_cell.length_b   203.655
_cell.length_c   126.006
_cell.angle_alpha   90.00
_cell.angle_beta   90.00
_cell.angle_gamma   90.00
#
_symmetry.space_group_name_H-M   'C 2 2 21'
#
loop_
_entity.id
_entity.type
_entity.pdbx_description
1 polymer '2-oxoacid--ferredoxin oxidoreductase alpha subunit'
2 polymer '2-oxoacid--ferredoxin oxidoreductase beta subunit'
3 non-polymer 'PYRUVIC ACID'
4 non-polymer 'IRON/SULFUR CLUSTER'
5 non-polymer 'THIAMINE DIPHOSPHATE'
6 non-polymer 'MAGNESIUM ION'
7 water water
#
loop_
_entity_poly.entity_id
_entity_poly.type
_entity_poly.pdbx_seq_one_letter_code
_entity_poly.pdbx_strand_id
1 'polypeptide(L)'
;MTRIVWMIGGAQGLGVDTSANIFGNAVAKAGYYLFGNREYYSNIKGRHSYFEVVISEKPIRSLSSYVNILASFDAETVFQ
HFTETKEYLIYNVEYENTTVDLVKSMEPEMAEQVKEALSKERLGFTIKDVLEYLKRRGVKVIGFNYTELIKKIADTFKVP
MSVVERAKNMIAVGASYGLLGLKFDYLKDAISSTFKNELFIKFNTMAAELGYNSVPNVYKLQEYKIEKQRIQVDGNTISA
MGKLAGGLRFQSYYPITPASDESVYIEANQNLDMIVEGNELRKGGVVVVQAEDELAAINMAVGAALTGVRSATATSGPGF
SLMSEGISWAGMNEVPVVITYYMRGAPATGLPTRSGQADLKFALNVGHGEFPRIVIASGDHVEIFWDAIWALNLAEKYQT
PVIHIIEKTLANAYSVFEEELITNRPYVIERGKIVKPTSDYFNRFEVTEDGISPRVFLGQASIFYTGDEHNEEGHITENS
INRMKMYEKRNKKLETADKEIPEEQRVNIVGDADIVLLTWGSPKGAILDAMEELSKDGIKTMMVQVKMFNPYPKNLMKKI
LSGKSKIIAVENNYNAQGAEVLAEKTGIFATNYILKWTGRPITREEVIEGIKKILERDEKRVVLYGGA
;
A
2 'polypeptide(L)'
;MVERKPVFVDWCPGCGDFGILRAEEMAIRELGINPKSVVIVSGIGCSGKIPHFMNLPISGVHTLHGRSIAFATGIKLSNP
SLEVIVNVGDGDGLGIGMGHFVHLGRRNIDIAVLVHNNGVYGLTKGQASPTLHRGEKTKSLPKPNIMDAVNPLAVALAAG
YTFVARGYAYDVMHLKELIKKAILHKGSALVDILQPCPTYNDINTKEWYDKRVYKLDNVPGWDPVVRKEEEAQKKFEQAI
MKSYEWGEKIPIGIFYQNELVPTFEDRLTSNIPNYREYYPAKQQIEINGISTTKIDELIKAKRI
;
B
#
loop_
_chem_comp.id
_chem_comp.type
_chem_comp.name
_chem_comp.formula
MG non-polymer 'MAGNESIUM ION' 'Mg 2'
PYR non-polymer 'PYRUVIC ACID' 'C3 H4 O3'
SF4 non-polymer 'IRON/SULFUR CLUSTER' 'Fe4 S4'
TPP non-polymer 'THIAMINE DIPHOSPHATE' 'C12 H19 N4 O7 P2 S 1'
#
# COMPACT_ATOMS: atom_id res chain seq x y z
N THR A 2 25.77 21.61 -8.73
CA THR A 2 24.42 22.16 -8.47
C THR A 2 23.51 21.05 -7.85
N ARG A 3 22.86 21.39 -6.75
CA ARG A 3 21.87 20.58 -6.17
C ARG A 3 20.76 21.58 -5.77
N ILE A 4 19.69 21.70 -6.54
CA ILE A 4 18.59 22.59 -6.16
C ILE A 4 17.32 21.77 -5.87
N VAL A 5 16.72 22.03 -4.73
CA VAL A 5 15.53 21.36 -4.30
C VAL A 5 14.31 22.24 -4.46
N TRP A 6 13.39 21.76 -5.29
CA TRP A 6 12.06 22.36 -5.49
C TRP A 6 11.01 21.44 -4.80
N MET A 7 9.97 22.08 -4.28
CA MET A 7 8.75 21.44 -3.81
C MET A 7 7.53 22.19 -4.30
N ILE A 8 6.53 21.45 -4.77
CA ILE A 8 5.14 21.96 -4.93
C ILE A 8 4.18 21.14 -4.10
N GLY A 9 3.07 21.76 -3.73
CA GLY A 9 2.08 21.08 -2.89
C GLY A 9 0.71 21.53 -3.21
N GLY A 10 -0.25 20.71 -2.82
CA GLY A 10 -1.64 21.09 -2.95
C GLY A 10 -2.61 20.04 -2.48
N ALA A 11 -3.90 20.34 -2.58
CA ALA A 11 -4.91 19.34 -2.22
C ALA A 11 -4.86 18.21 -3.24
N GLN A 12 -4.92 16.98 -2.73
CA GLN A 12 -5.07 15.77 -3.58
C GLN A 12 -6.27 15.94 -4.53
N GLY A 13 -6.05 15.50 -5.76
CA GLY A 13 -7.01 15.71 -6.80
C GLY A 13 -7.01 17.11 -7.42
N LEU A 14 -6.07 17.97 -7.08
CA LEU A 14 -5.91 19.22 -7.87
C LEU A 14 -4.87 19.03 -8.96
N GLY A 15 -4.41 17.77 -9.14
CA GLY A 15 -3.65 17.36 -10.30
C GLY A 15 -2.28 18.01 -10.20
N VAL A 16 -1.85 18.22 -8.96
CA VAL A 16 -0.61 18.90 -8.66
C VAL A 16 0.56 17.99 -8.93
N ASP A 17 0.37 16.70 -8.66
CA ASP A 17 1.35 15.66 -9.04
C ASP A 17 1.74 15.69 -10.54
N THR A 18 0.87 16.15 -11.41
CA THR A 18 1.25 16.21 -12.82
C THR A 18 1.96 17.53 -13.07
N SER A 19 1.56 18.56 -12.31
CA SER A 19 2.27 19.81 -12.28
C SER A 19 3.73 19.55 -12.01
N ALA A 20 4.00 18.72 -11.01
CA ALA A 20 5.33 18.40 -10.64
C ALA A 20 6.05 17.61 -11.70
N ASN A 21 5.41 16.65 -12.35
CA ASN A 21 6.06 15.91 -13.48
C ASN A 21 6.37 16.83 -14.68
N ILE A 22 5.59 17.89 -14.87
CA ILE A 22 5.82 18.86 -15.94
C ILE A 22 7.03 19.72 -15.66
N PHE A 23 7.15 20.14 -14.40
CA PHE A 23 8.27 20.94 -13.97
C PHE A 23 9.52 20.10 -14.15
N GLY A 24 9.51 18.86 -13.62
CA GLY A 24 10.64 17.97 -13.75
C GLY A 24 11.04 17.71 -15.23
N ASN A 25 10.04 17.48 -16.07
CA ASN A 25 10.24 17.19 -17.48
C ASN A 25 10.96 18.34 -18.19
N ALA A 26 10.65 19.56 -17.80
CA ALA A 26 11.24 20.72 -18.46
C ALA A 26 12.69 20.85 -18.03
N VAL A 27 12.94 20.72 -16.74
CA VAL A 27 14.28 20.82 -16.22
C VAL A 27 15.17 19.72 -16.82
N ALA A 28 14.61 18.55 -17.04
CA ALA A 28 15.38 17.41 -17.44
C ALA A 28 15.80 17.64 -18.89
N LYS A 29 14.86 18.14 -19.69
CA LYS A 29 15.10 18.44 -21.12
C LYS A 29 16.26 19.44 -21.29
N ALA A 30 16.36 20.35 -20.33
CA ALA A 30 17.49 21.27 -20.25
C ALA A 30 18.83 20.62 -19.91
N GLY A 31 18.88 19.30 -19.67
CA GLY A 31 20.13 18.65 -19.24
C GLY A 31 20.33 18.33 -17.76
N TYR A 32 19.36 18.58 -16.89
CA TYR A 32 19.55 18.30 -15.45
C TYR A 32 19.04 16.89 -15.03
N TYR A 33 19.79 16.22 -14.19
CA TYR A 33 19.27 15.00 -13.56
C TYR A 33 18.25 15.43 -12.50
N LEU A 34 17.30 14.54 -12.18
CA LEU A 34 16.30 14.71 -11.11
C LEU A 34 16.22 13.42 -10.28
N PHE A 35 15.98 13.65 -8.98
CA PHE A 35 15.36 12.71 -8.05
C PHE A 35 14.09 13.30 -7.44
N GLY A 36 12.96 12.64 -7.64
CA GLY A 36 11.64 13.12 -7.22
C GLY A 36 10.87 12.15 -6.36
N ASN A 37 10.08 12.68 -5.46
CA ASN A 37 9.29 11.92 -4.47
C ASN A 37 7.88 12.52 -4.38
N ARG A 38 6.91 11.67 -4.12
CA ARG A 38 5.51 12.05 -3.94
C ARG A 38 5.09 11.60 -2.55
N GLU A 39 4.51 12.54 -1.81
CA GLU A 39 3.96 12.23 -0.51
C GLU A 39 2.47 12.62 -0.52
N TYR A 40 1.66 11.70 -0.03
CA TYR A 40 0.18 11.74 -0.17
C TYR A 40 -0.35 11.08 1.10
N TYR A 41 -1.57 11.45 1.47
CA TYR A 41 -2.37 10.73 2.50
C TYR A 41 -3.17 9.58 1.89
N SER A 42 -3.54 8.62 2.76
CA SER A 42 -4.50 7.52 2.43
C SER A 42 -5.87 8.18 2.35
N ASN A 43 -6.21 8.59 1.14
CA ASN A 43 -7.20 9.67 0.93
C ASN A 43 -7.20 9.96 -0.56
N ILE A 44 -8.39 10.19 -1.14
CA ILE A 44 -8.48 10.41 -2.56
C ILE A 44 -8.46 11.91 -2.86
N LYS A 45 -9.31 12.69 -2.17
CA LYS A 45 -9.38 14.14 -2.39
C LYS A 45 -9.34 14.93 -1.11
N GLY A 46 -8.59 16.03 -1.15
CA GLY A 46 -8.68 17.08 -0.15
C GLY A 46 -7.46 17.19 0.72
N ARG A 47 -6.85 16.08 1.12
CA ARG A 47 -5.66 16.15 1.96
C ARG A 47 -4.49 16.77 1.21
N HIS A 48 -3.54 17.27 1.98
CA HIS A 48 -2.29 17.79 1.50
C HIS A 48 -1.31 16.73 0.94
N SER A 49 -1.04 16.85 -0.37
CA SER A 49 0.09 16.17 -1.00
C SER A 49 1.22 17.16 -1.38
N TYR A 50 2.45 16.64 -1.44
CA TYR A 50 3.59 17.41 -1.83
C TYR A 50 4.55 16.58 -2.65
N PHE A 51 5.42 17.28 -3.37
CA PHE A 51 6.24 16.70 -4.43
C PHE A 51 7.54 17.42 -4.41
N GLU A 52 8.56 16.80 -3.85
CA GLU A 52 9.92 17.30 -3.86
C GLU A 52 10.65 16.79 -5.11
N VAL A 53 11.31 17.75 -5.80
CA VAL A 53 12.17 17.46 -6.95
C VAL A 53 13.51 18.08 -6.75
N VAL A 54 14.55 17.24 -6.75
CA VAL A 54 15.94 17.65 -6.54
C VAL A 54 16.58 17.68 -7.92
N ILE A 55 17.21 18.82 -8.23
CA ILE A 55 17.74 19.12 -9.57
C ILE A 55 19.26 19.15 -9.51
N SER A 56 19.91 18.52 -10.48
CA SER A 56 21.37 18.57 -10.51
C SER A 56 21.92 18.27 -11.86
N GLU A 57 23.08 18.87 -12.14
CA GLU A 57 23.83 18.61 -13.41
C GLU A 57 24.41 17.21 -13.40
N LYS A 58 24.66 16.69 -12.19
CA LYS A 58 25.07 15.32 -11.94
C LYS A 58 23.93 14.41 -11.42
N PRO A 59 23.98 13.10 -11.74
CA PRO A 59 22.98 12.16 -11.17
C PRO A 59 22.81 12.37 -9.69
N ILE A 60 21.56 12.30 -9.29
CA ILE A 60 21.18 12.68 -7.94
C ILE A 60 20.51 11.42 -7.40
N ARG A 61 20.74 11.19 -6.13
CA ARG A 61 20.46 9.90 -5.41
C ARG A 61 19.60 10.09 -4.15
N SER A 62 19.34 11.33 -3.72
CA SER A 62 18.62 11.50 -2.47
C SER A 62 17.88 12.77 -2.36
N LEU A 63 16.95 12.74 -1.45
CA LEU A 63 16.12 13.86 -1.08
C LEU A 63 16.82 14.62 -0.03
N SER A 64 16.41 15.86 0.15
CA SER A 64 16.94 16.74 1.20
C SER A 64 15.85 17.16 2.20
N SER A 65 16.28 17.55 3.38
CA SER A 65 15.43 18.03 4.48
C SER A 65 15.01 19.49 4.23
N TYR A 66 15.67 20.17 3.30
CA TYR A 66 15.35 21.56 3.01
C TYR A 66 14.86 21.72 1.59
N VAL A 67 14.07 22.77 1.40
CA VAL A 67 13.66 23.16 0.08
C VAL A 67 14.26 24.55 -0.28
N ASN A 68 14.89 24.67 -1.44
CA ASN A 68 15.35 25.99 -1.98
C ASN A 68 14.18 26.86 -2.34
N ILE A 69 13.33 26.29 -3.21
CA ILE A 69 12.09 26.92 -3.71
C ILE A 69 10.82 26.10 -3.37
N LEU A 70 9.95 26.66 -2.54
CA LEU A 70 8.62 26.14 -2.26
C LEU A 70 7.58 26.91 -3.10
N ALA A 71 6.93 26.19 -3.99
CA ALA A 71 5.82 26.69 -4.79
C ALA A 71 4.48 26.34 -4.19
N SER A 72 3.64 27.35 -4.10
CA SER A 72 2.35 27.18 -3.47
C SER A 72 1.33 28.13 -4.03
N PHE A 73 0.07 27.68 -3.95
CA PHE A 73 -1.09 28.46 -4.34
C PHE A 73 -2.22 28.36 -3.33
N ASP A 74 -2.02 27.65 -2.22
CA ASP A 74 -3.03 27.55 -1.16
C ASP A 74 -2.33 27.97 0.19
N ALA A 75 -3.10 28.02 1.27
CA ALA A 75 -2.60 28.32 2.61
C ALA A 75 -1.89 27.09 3.21
N GLU A 76 -2.46 25.89 3.01
CA GLU A 76 -1.98 24.67 3.69
C GLU A 76 -0.54 24.29 3.28
N THR A 77 -0.17 24.47 2.01
CA THR A 77 1.18 24.07 1.61
C THR A 77 2.21 24.94 2.31
N VAL A 78 1.85 26.22 2.57
CA VAL A 78 2.72 27.15 3.23
C VAL A 78 2.92 26.68 4.66
N PHE A 79 1.82 26.44 5.34
CA PHE A 79 1.88 25.95 6.69
C PHE A 79 2.63 24.63 6.84
N GLN A 80 2.52 23.74 5.87
CA GLN A 80 3.18 22.41 5.98
C GLN A 80 4.66 22.38 5.72
N HIS A 81 5.19 23.34 4.99
CA HIS A 81 6.57 23.32 4.53
C HIS A 81 7.41 24.59 4.83
N PHE A 82 6.82 25.60 5.43
CA PHE A 82 7.60 26.81 5.71
C PHE A 82 8.83 26.64 6.53
N THR A 83 8.83 25.76 7.53
CA THR A 83 10.08 25.54 8.25
C THR A 83 11.19 24.88 7.43
N GLU A 84 10.88 24.29 6.27
CA GLU A 84 11.92 23.60 5.47
C GLU A 84 12.39 24.56 4.35
N THR A 85 11.74 25.71 4.23
CA THR A 85 11.99 26.58 3.06
C THR A 85 13.16 27.57 3.26
N LYS A 86 14.17 27.44 2.42
CA LYS A 86 15.45 28.15 2.56
C LYS A 86 15.73 29.40 1.66
N GLU A 87 15.25 29.45 0.40
CA GLU A 87 15.61 30.59 -0.51
C GLU A 87 14.40 31.38 -1.03
N TYR A 88 13.38 30.69 -1.52
CA TYR A 88 12.19 31.35 -2.14
C TYR A 88 10.88 30.64 -1.81
N LEU A 89 9.88 31.44 -1.39
CA LEU A 89 8.48 31.04 -1.36
C LEU A 89 7.70 31.73 -2.51
N ILE A 90 6.99 30.94 -3.32
CA ILE A 90 5.95 31.42 -4.22
C ILE A 90 4.61 31.07 -3.51
N TYR A 91 3.82 32.10 -3.25
CA TYR A 91 2.58 31.97 -2.53
C TYR A 91 1.48 32.88 -3.05
N ASN A 92 0.28 32.59 -2.57
CA ASN A 92 -0.94 33.22 -3.01
C ASN A 92 -1.34 34.30 -1.94
N VAL A 93 -1.23 35.55 -2.30
CA VAL A 93 -1.60 36.65 -1.41
C VAL A 93 -3.05 36.64 -0.94
N GLU A 94 -3.96 35.96 -1.64
CA GLU A 94 -5.35 35.80 -1.14
C GLU A 94 -5.41 35.19 0.30
N TYR A 95 -4.39 34.44 0.72
CA TYR A 95 -4.43 33.74 2.01
C TYR A 95 -3.62 34.43 3.09
N GLU A 96 -3.07 35.58 2.80
CA GLU A 96 -2.26 36.23 3.81
C GLU A 96 -2.84 36.34 5.24
N ASN A 97 -4.16 36.50 5.38
CA ASN A 97 -4.81 36.60 6.69
C ASN A 97 -5.48 35.35 7.14
N THR A 98 -5.20 34.24 6.47
CA THR A 98 -5.75 32.96 6.82
C THR A 98 -4.92 32.47 7.97
N THR A 99 -5.63 32.01 8.98
CA THR A 99 -5.06 31.49 10.15
C THR A 99 -5.07 29.93 10.08
N VAL A 100 -4.13 29.31 10.78
CA VAL A 100 -3.97 27.86 10.83
C VAL A 100 -5.30 27.11 11.07
N ASP A 101 -6.09 27.63 12.02
CA ASP A 101 -7.37 27.07 12.41
C ASP A 101 -8.41 27.03 11.28
N LEU A 102 -8.32 27.88 10.29
CA LEU A 102 -9.24 27.78 9.16
C LEU A 102 -8.87 26.69 8.14
N VAL A 103 -7.71 26.03 8.27
CA VAL A 103 -7.36 25.00 7.27
C VAL A 103 -7.96 23.70 7.77
N LYS A 104 -9.15 23.38 7.25
CA LYS A 104 -9.94 22.24 7.77
C LYS A 104 -9.35 20.89 7.42
N SER A 105 -8.62 20.83 6.31
CA SER A 105 -8.11 19.58 5.80
C SER A 105 -6.82 19.15 6.52
N MET A 106 -6.30 19.99 7.41
CA MET A 106 -5.00 19.79 8.01
C MET A 106 -5.24 18.95 9.27
N GLU A 107 -4.38 17.95 9.52
CA GLU A 107 -4.53 17.15 10.76
C GLU A 107 -4.28 18.06 11.96
N PRO A 108 -5.07 17.90 13.02
CA PRO A 108 -4.87 18.77 14.18
C PRO A 108 -3.50 18.62 14.75
N GLU A 109 -2.83 17.46 14.60
CA GLU A 109 -1.47 17.35 15.10
C GLU A 109 -0.50 18.29 14.33
N MET A 110 -0.70 18.49 13.03
CA MET A 110 0.11 19.41 12.27
C MET A 110 -0.20 20.89 12.64
N ALA A 111 -1.44 21.21 12.87
CA ALA A 111 -1.83 22.55 13.25
C ALA A 111 -1.15 22.92 14.58
N GLU A 112 -1.20 22.02 15.55
CA GLU A 112 -0.51 22.23 16.82
C GLU A 112 0.98 22.48 16.58
N GLN A 113 1.60 21.73 15.66
CA GLN A 113 3.03 21.85 15.45
C GLN A 113 3.38 23.13 14.68
N VAL A 114 2.48 23.55 13.83
CA VAL A 114 2.65 24.82 13.13
C VAL A 114 2.65 25.98 14.16
N LYS A 115 1.66 25.96 15.05
CA LYS A 115 1.55 26.95 16.11
C LYS A 115 2.73 26.90 17.02
N GLU A 116 3.11 25.72 17.46
CA GLU A 116 4.35 25.60 18.25
C GLU A 116 5.54 26.31 17.57
N ALA A 117 5.77 26.08 16.27
CA ALA A 117 6.96 26.60 15.61
C ALA A 117 6.92 28.15 15.50
N LEU A 118 5.72 28.69 15.32
CA LEU A 118 5.49 30.15 15.28
C LEU A 118 5.61 30.83 16.69
N SER A 119 4.79 30.41 17.67
CA SER A 119 4.95 30.70 19.12
C SER A 119 6.38 30.70 19.69
N LYS A 120 7.17 29.70 19.32
CA LYS A 120 8.59 29.59 19.63
C LYS A 120 9.42 30.92 19.40
N GLU A 121 8.99 31.76 18.46
CA GLU A 121 9.62 33.04 18.22
C GLU A 121 8.60 34.18 18.16
N ARG A 122 7.53 33.99 18.95
CA ARG A 122 6.45 34.93 19.15
C ARG A 122 5.74 35.51 17.95
N LEU A 123 5.31 34.62 17.07
CA LEU A 123 4.53 35.00 15.90
C LEU A 123 3.18 34.42 16.09
N GLY A 124 2.20 35.05 15.46
CA GLY A 124 0.86 34.51 15.42
C GLY A 124 0.78 33.41 14.33
N PHE A 125 -0.46 33.08 13.94
CA PHE A 125 -0.75 31.88 13.24
C PHE A 125 -1.34 32.14 11.83
N THR A 126 -1.04 33.29 11.22
CA THR A 126 -1.50 33.58 9.88
C THR A 126 -0.40 33.29 8.88
N ILE A 127 -0.80 33.24 7.63
CA ILE A 127 0.20 33.21 6.57
C ILE A 127 1.14 34.38 6.68
N LYS A 128 0.62 35.58 6.90
CA LYS A 128 1.46 36.77 7.16
C LYS A 128 2.57 36.51 8.20
N ASP A 129 2.20 35.84 9.29
CA ASP A 129 3.18 35.48 10.32
C ASP A 129 4.27 34.55 9.83
N VAL A 130 3.87 33.61 8.97
CA VAL A 130 4.81 32.70 8.33
C VAL A 130 5.74 33.48 7.42
N LEU A 131 5.21 34.48 6.73
CA LEU A 131 6.08 35.31 5.82
C LEU A 131 7.24 36.05 6.62
N GLU A 132 6.89 36.58 7.77
CA GLU A 132 7.86 37.16 8.72
C GLU A 132 8.81 36.09 9.17
N TYR A 133 8.28 34.90 9.59
CA TYR A 133 9.17 33.78 9.95
C TYR A 133 10.17 33.52 8.84
N LEU A 134 9.71 33.53 7.59
CA LEU A 134 10.64 33.28 6.47
C LEU A 134 11.62 34.45 6.27
N LYS A 135 11.12 35.69 6.49
CA LYS A 135 11.97 36.87 6.27
C LYS A 135 13.08 36.94 7.34
N ARG A 136 12.79 36.48 8.54
CA ARG A 136 13.84 36.34 9.55
C ARG A 136 15.02 35.41 9.14
N ARG A 137 14.88 34.64 8.06
CA ARG A 137 15.87 33.66 7.67
C ARG A 137 16.41 33.92 6.33
N GLY A 138 16.25 35.15 5.83
CA GLY A 138 16.76 35.50 4.48
C GLY A 138 15.95 34.94 3.33
N VAL A 139 14.70 34.48 3.58
CA VAL A 139 13.92 33.86 2.50
C VAL A 139 13.25 35.00 1.76
N LYS A 140 13.34 34.97 0.47
CA LYS A 140 12.56 35.90 -0.35
C LYS A 140 11.15 35.29 -0.75
N VAL A 141 10.09 36.03 -0.36
CA VAL A 141 8.70 35.66 -0.64
C VAL A 141 8.18 36.40 -1.84
N ILE A 142 7.50 35.68 -2.73
CA ILE A 142 7.01 36.24 -3.97
C ILE A 142 5.53 35.93 -4.02
N GLY A 143 4.71 36.97 -3.83
CA GLY A 143 3.29 36.82 -3.80
C GLY A 143 2.55 37.07 -5.09
N PHE A 144 1.60 36.22 -5.39
CA PHE A 144 0.73 36.34 -6.54
C PHE A 144 -0.70 36.49 -6.11
N ASN A 145 -1.39 37.45 -6.71
CA ASN A 145 -2.84 37.42 -6.81
C ASN A 145 -3.22 36.44 -7.92
N TYR A 146 -3.35 35.16 -7.56
CA TYR A 146 -3.70 34.11 -8.49
C TYR A 146 -5.15 34.29 -9.04
N THR A 147 -6.04 34.82 -8.23
CA THR A 147 -7.39 35.06 -8.69
C THR A 147 -7.35 35.94 -9.93
N GLU A 148 -6.76 37.13 -9.78
CA GLU A 148 -6.56 38.10 -10.87
C GLU A 148 -5.86 37.54 -12.13
N LEU A 149 -4.96 36.55 -11.96
CA LEU A 149 -4.30 35.92 -13.09
C LEU A 149 -5.18 34.92 -13.76
N ILE A 150 -5.92 34.12 -12.99
CA ILE A 150 -6.89 33.18 -13.57
C ILE A 150 -7.97 33.96 -14.34
N LYS A 151 -8.35 35.13 -13.84
CA LYS A 151 -9.27 36.08 -14.48
C LYS A 151 -8.73 36.38 -15.91
N LYS A 152 -7.57 37.02 -15.94
CA LYS A 152 -6.90 37.42 -17.17
C LYS A 152 -6.84 36.29 -18.20
N ILE A 153 -6.76 35.04 -17.76
CA ILE A 153 -6.68 33.88 -18.68
C ILE A 153 -8.05 33.57 -19.22
N ALA A 154 -9.00 33.37 -18.32
CA ALA A 154 -10.41 33.26 -18.69
C ALA A 154 -10.85 34.40 -19.62
N ASP A 155 -10.47 35.63 -19.31
CA ASP A 155 -10.77 36.74 -20.20
C ASP A 155 -10.30 36.37 -21.62
N THR A 156 -9.01 36.05 -21.73
CA THR A 156 -8.38 35.69 -23.01
C THR A 156 -9.07 34.55 -23.76
N PHE A 157 -9.39 33.47 -23.06
CA PHE A 157 -10.03 32.32 -23.67
C PHE A 157 -11.55 32.43 -23.57
N LYS A 158 -12.04 33.64 -23.25
CA LYS A 158 -13.46 33.90 -23.12
C LYS A 158 -14.16 32.66 -22.54
N VAL A 159 -13.74 32.25 -21.33
CA VAL A 159 -14.43 31.20 -20.56
C VAL A 159 -14.69 31.69 -19.12
N PRO A 160 -15.58 31.00 -18.37
CA PRO A 160 -15.66 31.39 -16.97
C PRO A 160 -14.43 30.82 -16.19
N MET A 161 -14.05 31.52 -15.12
CA MET A 161 -12.90 31.18 -14.30
C MET A 161 -12.83 29.73 -13.89
N SER A 162 -13.96 29.07 -13.71
CA SER A 162 -13.98 27.68 -13.24
C SER A 162 -13.45 26.62 -14.21
N VAL A 163 -13.28 26.96 -15.48
CA VAL A 163 -12.76 25.99 -16.47
C VAL A 163 -11.24 25.95 -16.35
N VAL A 164 -10.68 27.15 -16.16
CA VAL A 164 -9.22 27.37 -16.03
C VAL A 164 -8.61 27.44 -14.57
N GLU A 165 -9.43 27.24 -13.54
CA GLU A 165 -8.99 27.27 -12.12
C GLU A 165 -7.75 26.41 -11.78
N ARG A 166 -7.66 25.21 -12.33
CA ARG A 166 -6.48 24.35 -12.22
C ARG A 166 -5.13 24.94 -12.73
N ALA A 167 -5.16 26.06 -13.44
CA ALA A 167 -3.97 26.72 -13.97
C ALA A 167 -3.16 27.53 -12.93
N LYS A 168 -3.73 27.71 -11.73
CA LYS A 168 -2.97 28.10 -10.55
C LYS A 168 -1.62 27.26 -10.48
N ASN A 169 -1.72 25.96 -10.78
CA ASN A 169 -0.66 24.99 -10.73
C ASN A 169 0.49 25.39 -11.61
N MET A 170 0.14 25.77 -12.84
CA MET A 170 1.11 26.15 -13.87
C MET A 170 1.65 27.55 -13.73
N ILE A 171 0.91 28.45 -13.07
CA ILE A 171 1.45 29.75 -12.66
C ILE A 171 2.60 29.54 -11.64
N ALA A 172 2.40 28.62 -10.71
CA ALA A 172 3.40 28.30 -9.69
C ALA A 172 4.61 27.64 -10.33
N VAL A 173 4.36 26.69 -11.22
CA VAL A 173 5.43 25.99 -11.91
C VAL A 173 6.20 26.94 -12.82
N GLY A 174 5.50 27.86 -13.48
CA GLY A 174 6.11 28.82 -14.40
C GLY A 174 7.01 29.75 -13.68
N ALA A 175 6.55 30.31 -12.57
CA ALA A 175 7.38 31.16 -11.74
C ALA A 175 8.60 30.43 -11.12
N SER A 176 8.43 29.17 -10.69
CA SER A 176 9.49 28.40 -10.11
C SER A 176 10.58 28.21 -11.14
N TYR A 177 10.18 27.73 -12.31
CA TYR A 177 11.07 27.48 -13.38
C TYR A 177 11.74 28.81 -13.80
N GLY A 178 10.98 29.91 -13.79
CA GLY A 178 11.56 31.25 -14.04
C GLY A 178 12.74 31.62 -13.12
N LEU A 179 12.59 31.31 -11.83
CA LEU A 179 13.69 31.55 -10.92
C LEU A 179 14.97 30.86 -11.33
N LEU A 180 14.83 29.71 -11.98
CA LEU A 180 15.96 28.90 -12.32
C LEU A 180 16.74 29.57 -13.40
N GLY A 181 16.04 30.14 -14.39
CA GLY A 181 16.64 30.86 -15.50
C GLY A 181 16.75 30.05 -16.77
N LEU A 182 16.08 28.91 -16.83
CA LEU A 182 16.10 28.10 -18.05
C LEU A 182 15.07 28.63 -19.04
N LYS A 183 15.22 28.29 -20.32
CA LYS A 183 14.46 28.95 -21.37
C LYS A 183 13.04 28.37 -21.43
N PHE A 184 12.06 29.24 -21.69
CA PHE A 184 10.65 28.87 -21.63
C PHE A 184 10.25 27.69 -22.51
N ASP A 185 10.86 27.57 -23.68
CA ASP A 185 10.53 26.49 -24.64
C ASP A 185 10.43 25.13 -24.04
N TYR A 186 11.33 24.79 -23.13
CA TYR A 186 11.28 23.44 -22.52
C TYR A 186 10.06 23.25 -21.65
N LEU A 187 9.64 24.29 -20.91
CA LEU A 187 8.37 24.24 -20.16
C LEU A 187 7.12 24.17 -21.07
N LYS A 188 7.10 24.97 -22.14
CA LYS A 188 6.02 24.90 -23.19
C LYS A 188 5.91 23.53 -23.87
N ASP A 189 7.04 22.87 -24.13
CA ASP A 189 7.03 21.57 -24.78
C ASP A 189 6.54 20.51 -23.84
N ALA A 190 6.93 20.62 -22.57
CA ALA A 190 6.53 19.64 -21.57
C ALA A 190 5.04 19.74 -21.27
N ILE A 191 4.49 20.95 -21.40
CA ILE A 191 3.03 21.15 -21.37
C ILE A 191 2.29 20.44 -22.54
N SER A 192 2.48 20.93 -23.77
CA SER A 192 2.01 20.26 -25.00
C SER A 192 2.08 18.72 -24.97
N SER A 193 3.20 18.19 -24.51
CA SER A 193 3.41 16.76 -24.47
C SER A 193 2.60 15.99 -23.40
N THR A 194 2.19 16.66 -22.32
CA THR A 194 1.48 15.99 -21.23
C THR A 194 -0.03 16.01 -21.42
N PHE A 195 -0.59 17.18 -21.70
CA PHE A 195 -2.03 17.28 -21.92
C PHE A 195 -2.33 16.86 -23.36
N LYS A 196 -3.57 16.43 -23.60
CA LYS A 196 -4.03 15.99 -24.92
C LYS A 196 -4.78 17.13 -25.61
N ASN A 197 -5.94 17.45 -25.07
CA ASN A 197 -6.83 18.51 -25.54
C ASN A 197 -6.05 19.79 -25.89
N GLU A 198 -6.26 20.29 -27.09
CA GLU A 198 -5.61 21.52 -27.52
C GLU A 198 -5.83 22.64 -26.53
N LEU A 199 -7.04 22.75 -26.00
CA LEU A 199 -7.45 23.91 -25.20
C LEU A 199 -6.78 23.96 -23.81
N PHE A 200 -6.74 22.82 -23.10
CA PHE A 200 -5.96 22.66 -21.87
C PHE A 200 -4.52 23.16 -22.13
N ILE A 201 -3.90 22.68 -23.22
CA ILE A 201 -2.53 23.11 -23.60
C ILE A 201 -2.31 24.64 -23.60
N LYS A 202 -3.25 25.37 -24.18
CA LYS A 202 -3.01 26.78 -24.46
C LYS A 202 -3.22 27.68 -23.22
N PHE A 203 -4.17 27.31 -22.35
CA PHE A 203 -4.42 28.14 -21.14
C PHE A 203 -3.38 27.82 -20.02
N ASN A 204 -3.05 26.54 -19.87
CA ASN A 204 -1.91 26.15 -19.04
C ASN A 204 -0.60 26.78 -19.54
N THR A 205 -0.38 26.86 -20.86
CA THR A 205 0.86 27.50 -21.38
C THR A 205 0.89 28.98 -21.01
N MET A 206 -0.24 29.63 -21.16
CA MET A 206 -0.36 31.04 -20.79
C MET A 206 -0.11 31.28 -19.27
N ALA A 207 -0.59 30.36 -18.45
CA ALA A 207 -0.44 30.42 -17.03
C ALA A 207 1.05 30.31 -16.63
N ALA A 208 1.74 29.28 -17.09
CA ALA A 208 3.24 29.22 -16.97
C ALA A 208 3.96 30.49 -17.44
N GLU A 209 3.60 30.94 -18.62
CA GLU A 209 4.11 32.24 -19.14
C GLU A 209 3.89 33.35 -18.15
N LEU A 210 2.67 33.44 -17.58
CA LEU A 210 2.42 34.52 -16.63
C LEU A 210 3.34 34.40 -15.45
N GLY A 211 3.48 33.20 -14.93
CA GLY A 211 4.39 32.98 -13.78
C GLY A 211 5.84 33.25 -14.09
N TYR A 212 6.26 32.73 -15.23
CA TYR A 212 7.64 32.83 -15.65
C TYR A 212 8.07 34.25 -15.87
N ASN A 213 7.20 35.08 -16.47
CA ASN A 213 7.55 36.47 -16.77
C ASN A 213 7.43 37.33 -15.51
N SER A 214 6.87 36.81 -14.42
CA SER A 214 6.67 37.64 -13.22
C SER A 214 7.80 37.55 -12.27
N VAL A 215 8.87 36.86 -12.64
CA VAL A 215 9.95 36.70 -11.72
C VAL A 215 11.26 36.92 -12.42
N PRO A 216 12.28 37.36 -11.67
CA PRO A 216 13.65 37.34 -12.12
C PRO A 216 14.37 35.99 -12.14
N ASN A 217 15.37 35.96 -13.01
CA ASN A 217 16.28 34.85 -13.17
C ASN A 217 17.30 34.93 -12.07
N VAL A 218 17.14 34.07 -11.08
CA VAL A 218 17.99 34.14 -9.90
C VAL A 218 19.13 33.11 -9.82
N TYR A 219 18.90 31.89 -10.31
CA TYR A 219 19.88 30.80 -10.22
C TYR A 219 20.83 30.77 -11.46
N LYS A 220 20.36 31.29 -12.59
CA LYS A 220 21.23 31.54 -13.74
C LYS A 220 21.76 30.22 -14.27
N LEU A 221 20.88 29.23 -14.32
CA LEU A 221 21.32 27.91 -14.67
C LEU A 221 21.49 27.88 -16.15
N GLN A 222 22.52 27.19 -16.58
CA GLN A 222 22.79 27.07 -17.99
C GLN A 222 22.31 25.71 -18.41
N GLU A 223 21.94 25.60 -19.67
CA GLU A 223 21.70 24.33 -20.34
C GLU A 223 22.93 23.41 -20.35
N TYR A 224 22.68 22.09 -20.38
CA TYR A 224 23.71 21.05 -20.64
C TYR A 224 23.26 20.12 -21.74
N LYS A 225 24.23 19.58 -22.46
CA LYS A 225 23.99 18.56 -23.51
C LYS A 225 23.93 17.18 -22.91
N ILE A 226 22.97 16.43 -23.39
CA ILE A 226 22.71 15.12 -22.95
C ILE A 226 23.44 14.26 -23.97
N GLU A 227 24.54 13.66 -23.55
CA GLU A 227 25.39 12.86 -24.45
C GLU A 227 24.76 11.51 -24.70
N LYS A 228 24.37 10.85 -23.61
CA LYS A 228 23.77 9.52 -23.67
C LYS A 228 22.26 9.60 -23.33
N GLN A 229 21.51 8.77 -24.02
CA GLN A 229 20.10 8.67 -23.76
C GLN A 229 19.85 8.55 -22.23
N ARG A 230 18.87 9.33 -21.75
CA ARG A 230 18.40 9.37 -20.36
C ARG A 230 16.96 9.01 -20.23
N ILE A 231 16.61 8.30 -19.13
CA ILE A 231 15.21 7.93 -18.85
C ILE A 231 14.74 8.40 -17.49
N GLN A 232 13.42 8.59 -17.39
CA GLN A 232 12.77 9.05 -16.13
C GLN A 232 11.78 7.94 -15.74
N VAL A 233 12.05 7.29 -14.62
CA VAL A 233 11.23 6.16 -14.23
C VAL A 233 11.04 6.03 -12.69
N ASP A 234 9.86 5.53 -12.28
CA ASP A 234 9.61 5.12 -10.90
C ASP A 234 9.92 3.68 -10.59
N GLY A 235 9.99 3.38 -9.29
CA GLY A 235 10.30 2.01 -8.80
C GLY A 235 9.38 0.89 -9.28
N ASN A 236 8.07 1.15 -9.29
CA ASN A 236 7.06 0.19 -9.77
C ASN A 236 7.37 -0.24 -11.16
N THR A 237 7.50 0.79 -12.00
CA THR A 237 7.58 0.60 -13.41
C THR A 237 8.90 -0.19 -13.69
N ILE A 238 9.95 0.18 -13.04
CA ILE A 238 11.24 -0.44 -13.29
C ILE A 238 11.29 -1.90 -12.77
N SER A 239 10.52 -2.20 -11.70
CA SER A 239 10.32 -3.57 -11.29
C SER A 239 9.62 -4.32 -12.38
N ALA A 240 8.52 -3.79 -12.89
CA ALA A 240 7.86 -4.45 -14.03
C ALA A 240 8.79 -4.73 -15.25
N MET A 241 9.61 -3.74 -15.59
CA MET A 241 10.54 -3.77 -16.72
C MET A 241 11.52 -4.89 -16.54
N GLY A 242 12.06 -5.04 -15.32
CA GLY A 242 13.02 -6.13 -15.07
C GLY A 242 12.39 -7.52 -15.07
N LYS A 243 11.19 -7.63 -14.49
CA LYS A 243 10.52 -8.94 -14.50
C LYS A 243 10.21 -9.37 -15.94
N LEU A 244 9.75 -8.45 -16.73
CA LEU A 244 9.32 -8.78 -18.11
C LEU A 244 10.55 -9.16 -18.91
N ALA A 245 11.57 -8.37 -18.75
CA ALA A 245 12.92 -8.73 -19.21
C ALA A 245 13.46 -10.10 -18.74
N GLY A 246 13.16 -10.44 -17.48
CA GLY A 246 13.44 -11.75 -16.93
C GLY A 246 12.54 -12.85 -17.37
N GLY A 247 11.62 -12.61 -18.27
CA GLY A 247 10.74 -13.71 -18.75
C GLY A 247 9.49 -14.02 -17.98
N LEU A 248 9.09 -13.13 -17.04
CA LEU A 248 7.78 -13.19 -16.39
C LEU A 248 6.69 -13.40 -17.41
N ARG A 249 5.86 -14.46 -17.29
CA ARG A 249 4.57 -14.50 -18.07
C ARG A 249 3.27 -14.81 -17.33
N PHE A 250 3.30 -14.93 -16.00
CA PHE A 250 2.06 -14.96 -15.20
C PHE A 250 2.25 -14.07 -13.94
N GLN A 251 1.38 -13.08 -13.70
CA GLN A 251 1.38 -12.36 -12.39
C GLN A 251 -0.04 -12.24 -11.87
N SER A 252 -0.22 -12.58 -10.61
CA SER A 252 -1.47 -12.41 -9.94
C SER A 252 -1.22 -11.38 -8.86
N TYR A 253 -2.23 -10.55 -8.56
CA TYR A 253 -2.08 -9.52 -7.49
C TYR A 253 -3.45 -9.20 -6.92
N TYR A 254 -3.45 -8.62 -5.76
CA TYR A 254 -4.60 -7.99 -5.21
C TYR A 254 -4.31 -6.50 -5.06
N PRO A 255 -5.27 -5.63 -5.39
CA PRO A 255 -4.90 -4.18 -5.31
C PRO A 255 -4.43 -3.72 -3.95
N ILE A 256 -3.30 -3.05 -3.89
CA ILE A 256 -2.84 -2.47 -2.65
C ILE A 256 -1.88 -1.38 -3.09
N THR A 257 -1.97 -0.23 -2.43
CA THR A 257 -1.54 1.04 -3.05
C THR A 257 -0.16 0.85 -3.68
N PRO A 258 0.85 0.49 -2.83
CA PRO A 258 2.20 0.69 -3.41
C PRO A 258 2.51 -0.21 -4.59
N ALA A 259 1.81 -1.35 -4.71
CA ALA A 259 2.02 -2.43 -5.74
C ALA A 259 1.03 -2.63 -6.83
N SER A 260 -0.18 -2.05 -6.70
CA SER A 260 -1.17 -2.13 -7.82
C SER A 260 -0.58 -1.59 -9.15
N ASP A 261 0.19 -0.50 -9.06
CA ASP A 261 0.75 0.18 -10.22
C ASP A 261 1.59 -0.78 -11.08
N GLU A 262 2.30 -1.69 -10.45
CA GLU A 262 3.21 -2.51 -11.16
C GLU A 262 2.42 -3.45 -12.03
N SER A 263 1.36 -4.01 -11.48
CA SER A 263 0.61 -5.03 -12.20
C SER A 263 -0.25 -4.37 -13.31
N VAL A 264 -0.66 -3.15 -13.08
CA VAL A 264 -1.48 -2.40 -14.09
C VAL A 264 -0.60 -2.00 -15.29
N TYR A 265 0.61 -1.57 -15.00
CA TYR A 265 1.60 -1.34 -16.01
C TYR A 265 1.90 -2.65 -16.76
N ILE A 266 2.07 -3.77 -16.07
CA ILE A 266 2.35 -5.00 -16.83
C ILE A 266 1.17 -5.33 -17.78
N GLU A 267 -0.03 -5.14 -17.28
CA GLU A 267 -1.21 -5.53 -18.00
C GLU A 267 -1.45 -4.58 -19.21
N ALA A 268 -1.25 -3.28 -19.02
CA ALA A 268 -1.34 -2.31 -20.16
C ALA A 268 -0.32 -2.64 -21.26
N ASN A 269 0.75 -3.35 -20.95
CA ASN A 269 1.79 -3.67 -21.93
C ASN A 269 1.96 -5.15 -22.04
N GLN A 270 0.92 -5.90 -21.77
CA GLN A 270 1.10 -7.37 -21.65
C GLN A 270 1.45 -8.12 -22.92
N ASN A 271 1.21 -7.52 -24.08
CA ASN A 271 1.55 -8.18 -25.38
C ASN A 271 2.94 -7.78 -25.83
N LEU A 272 3.93 -8.64 -25.57
CA LEU A 272 5.35 -8.28 -25.68
C LEU A 272 5.89 -8.74 -26.99
N ASP A 273 6.76 -7.90 -27.57
CA ASP A 273 7.59 -8.37 -28.68
C ASP A 273 8.64 -9.31 -28.14
N MET A 274 8.82 -10.41 -28.84
CA MET A 274 9.81 -11.40 -28.56
C MET A 274 10.59 -11.80 -29.86
N ILE A 275 11.90 -11.95 -29.74
CA ILE A 275 12.74 -12.39 -30.81
C ILE A 275 13.04 -13.83 -30.50
N VAL A 276 12.51 -14.73 -31.31
CA VAL A 276 12.46 -16.13 -30.96
C VAL A 276 13.37 -16.90 -31.95
N GLU A 277 13.45 -18.23 -31.81
CA GLU A 277 14.19 -19.11 -32.76
C GLU A 277 14.13 -18.75 -34.25
N GLY A 278 15.31 -18.79 -34.89
CA GLY A 278 15.46 -18.37 -36.26
C GLY A 278 15.31 -16.87 -36.40
N ASN A 279 15.46 -16.14 -35.30
CA ASN A 279 15.25 -14.70 -35.26
C ASN A 279 13.86 -14.18 -35.73
N GLU A 280 12.78 -14.94 -35.52
CA GLU A 280 11.40 -14.44 -35.79
C GLU A 280 10.83 -13.45 -34.72
N LEU A 281 10.25 -12.33 -35.17
CA LEU A 281 9.47 -11.50 -34.27
C LEU A 281 8.25 -12.35 -34.00
N ARG A 282 7.92 -12.51 -32.72
CA ARG A 282 6.65 -13.04 -32.31
C ARG A 282 6.14 -12.20 -31.15
N LYS A 283 4.82 -12.16 -31.00
CA LYS A 283 4.18 -11.55 -29.84
C LYS A 283 3.96 -12.65 -28.75
N GLY A 284 4.21 -12.34 -27.48
CA GLY A 284 3.78 -13.24 -26.37
C GLY A 284 3.15 -12.43 -25.25
N GLY A 285 2.06 -12.94 -24.73
CA GLY A 285 1.21 -12.26 -23.76
C GLY A 285 1.54 -12.69 -22.35
N VAL A 286 1.69 -11.71 -21.45
CA VAL A 286 1.79 -12.00 -19.94
C VAL A 286 0.38 -12.05 -19.38
N VAL A 287 0.00 -13.16 -18.77
CA VAL A 287 -1.30 -13.24 -18.12
C VAL A 287 -1.26 -12.50 -16.74
N VAL A 288 -2.13 -11.53 -16.53
CA VAL A 288 -2.23 -10.83 -15.31
C VAL A 288 -3.60 -11.09 -14.73
N VAL A 289 -3.66 -11.51 -13.49
CA VAL A 289 -4.92 -11.80 -12.86
C VAL A 289 -5.03 -10.99 -11.59
N GLN A 290 -6.10 -10.24 -11.51
CA GLN A 290 -6.55 -9.64 -10.33
C GLN A 290 -7.29 -10.67 -9.43
N ALA A 291 -6.61 -11.11 -8.40
CA ALA A 291 -7.13 -12.08 -7.47
C ALA A 291 -8.13 -11.36 -6.56
N GLU A 292 -9.00 -12.16 -5.99
CA GLU A 292 -9.99 -11.78 -5.01
C GLU A 292 -9.45 -11.56 -3.61
N ASP A 293 -8.27 -12.10 -3.34
CA ASP A 293 -7.56 -11.82 -2.10
C ASP A 293 -6.13 -12.30 -2.32
N GLU A 294 -5.30 -12.09 -1.31
CA GLU A 294 -3.89 -12.42 -1.43
C GLU A 294 -3.55 -13.85 -1.31
N LEU A 295 -4.40 -14.62 -0.61
CA LEU A 295 -4.25 -16.01 -0.51
C LEU A 295 -4.42 -16.66 -1.95
N ALA A 296 -5.40 -16.19 -2.68
CA ALA A 296 -5.52 -16.58 -4.06
C ALA A 296 -4.36 -16.10 -4.95
N ALA A 297 -3.84 -14.94 -4.64
CA ALA A 297 -2.81 -14.34 -5.48
C ALA A 297 -1.59 -15.16 -5.37
N ILE A 298 -1.22 -15.53 -4.16
CA ILE A 298 -0.02 -16.30 -3.95
C ILE A 298 -0.21 -17.66 -4.56
N ASN A 299 -1.36 -18.26 -4.33
CA ASN A 299 -1.57 -19.60 -4.78
C ASN A 299 -1.77 -19.78 -6.29
N MET A 300 -2.30 -18.77 -6.95
CA MET A 300 -2.38 -18.77 -8.42
C MET A 300 -0.99 -18.70 -8.97
N ALA A 301 -0.13 -17.83 -8.42
CA ALA A 301 1.23 -17.74 -8.90
C ALA A 301 2.02 -19.05 -8.76
N VAL A 302 1.84 -19.69 -7.64
CA VAL A 302 2.60 -20.88 -7.31
C VAL A 302 2.11 -22.02 -8.26
N GLY A 303 0.80 -22.12 -8.49
CA GLY A 303 0.26 -23.10 -9.39
C GLY A 303 0.77 -22.85 -10.80
N ALA A 304 0.73 -21.61 -11.23
CA ALA A 304 1.27 -21.24 -12.56
C ALA A 304 2.67 -21.75 -12.78
N ALA A 305 3.51 -21.55 -11.78
CA ALA A 305 4.91 -21.94 -11.91
C ALA A 305 5.07 -23.45 -12.12
N LEU A 306 4.12 -24.26 -11.63
CA LEU A 306 4.18 -25.70 -11.79
C LEU A 306 4.14 -26.10 -13.30
N THR A 307 3.64 -25.19 -14.14
CA THR A 307 3.53 -25.40 -15.60
C THR A 307 4.80 -25.02 -16.31
N GLY A 308 5.79 -24.49 -15.59
CA GLY A 308 7.06 -24.03 -16.13
C GLY A 308 7.08 -22.52 -16.38
N VAL A 309 5.94 -21.85 -16.34
CA VAL A 309 5.92 -20.37 -16.47
C VAL A 309 6.73 -19.72 -15.36
N ARG A 310 7.39 -18.64 -15.68
CA ARG A 310 8.00 -17.79 -14.65
C ARG A 310 6.90 -16.93 -14.11
N SER A 311 6.56 -17.13 -12.84
CA SER A 311 5.44 -16.45 -12.25
C SER A 311 5.89 -15.60 -11.08
N ALA A 312 5.08 -14.61 -10.72
CA ALA A 312 5.36 -13.73 -9.59
C ALA A 312 4.05 -13.14 -9.08
N THR A 313 4.12 -12.58 -7.89
CA THR A 313 3.03 -11.76 -7.38
C THR A 313 3.67 -10.45 -6.82
N ALA A 314 2.89 -9.46 -6.48
CA ALA A 314 3.35 -8.24 -5.89
C ALA A 314 2.35 -7.84 -4.82
N THR A 315 2.84 -7.28 -3.72
CA THR A 315 1.98 -7.01 -2.60
C THR A 315 2.69 -6.10 -1.62
N SER A 316 2.04 -5.84 -0.51
CA SER A 316 2.58 -5.09 0.59
C SER A 316 2.23 -5.78 1.91
N GLY A 317 2.52 -5.15 3.05
CA GLY A 317 2.60 -5.88 4.32
C GLY A 317 1.41 -6.72 4.74
N PRO A 318 0.23 -6.09 4.80
CA PRO A 318 -0.96 -6.84 5.10
C PRO A 318 -1.14 -8.00 4.15
N GLY A 319 -0.88 -7.77 2.88
CA GLY A 319 -1.06 -8.83 1.91
C GLY A 319 0.01 -9.90 2.06
N PHE A 320 1.23 -9.49 2.42
CA PHE A 320 2.32 -10.42 2.56
C PHE A 320 2.03 -11.41 3.70
N SER A 321 1.59 -10.90 4.83
CA SER A 321 1.12 -11.70 5.95
C SER A 321 0.12 -12.80 5.57
N LEU A 322 -0.89 -12.42 4.83
CA LEU A 322 -1.80 -13.40 4.23
C LEU A 322 -1.14 -14.44 3.33
N MET A 323 -0.04 -14.12 2.69
CA MET A 323 0.61 -15.07 1.75
C MET A 323 1.47 -16.10 2.43
N SER A 324 1.68 -15.96 3.74
CA SER A 324 2.62 -16.78 4.47
C SER A 324 2.42 -18.24 4.27
N GLU A 325 1.17 -18.68 4.39
CA GLU A 325 0.89 -20.09 4.18
C GLU A 325 1.25 -20.58 2.79
N GLY A 326 0.87 -19.80 1.79
CA GLY A 326 1.14 -20.22 0.42
C GLY A 326 2.67 -20.24 0.14
N ILE A 327 3.45 -19.38 0.75
CA ILE A 327 4.90 -19.37 0.63
C ILE A 327 5.51 -20.62 1.25
N SER A 328 4.92 -21.05 2.36
CA SER A 328 5.33 -22.26 3.02
C SER A 328 5.03 -23.43 2.14
N TRP A 329 3.86 -23.47 1.52
CA TRP A 329 3.62 -24.52 0.54
C TRP A 329 4.63 -24.53 -0.63
N ALA A 330 4.98 -23.36 -1.17
CA ALA A 330 5.95 -23.28 -2.26
C ALA A 330 7.30 -23.78 -1.77
N GLY A 331 7.61 -23.49 -0.52
CA GLY A 331 8.86 -23.98 0.03
C GLY A 331 8.94 -25.48 0.06
N MET A 332 7.93 -26.08 0.63
CA MET A 332 7.83 -27.54 0.78
C MET A 332 7.86 -28.26 -0.57
N ASN A 333 7.27 -27.68 -1.61
CA ASN A 333 7.16 -28.29 -2.88
C ASN A 333 8.16 -27.72 -3.85
N GLU A 334 9.06 -26.88 -3.35
CA GLU A 334 10.23 -26.43 -4.14
C GLU A 334 9.78 -25.78 -5.45
N VAL A 335 8.85 -24.85 -5.27
CA VAL A 335 8.27 -24.06 -6.35
C VAL A 335 8.99 -22.72 -6.53
N PRO A 336 9.57 -22.47 -7.74
CA PRO A 336 10.04 -21.13 -8.07
C PRO A 336 8.91 -20.10 -8.12
N VAL A 337 9.06 -19.00 -7.39
CA VAL A 337 8.05 -17.95 -7.43
C VAL A 337 8.69 -16.74 -6.83
N VAL A 338 8.47 -15.56 -7.42
CA VAL A 338 8.97 -14.32 -6.83
C VAL A 338 7.82 -13.56 -6.21
N ILE A 339 8.04 -13.08 -5.00
CA ILE A 339 7.10 -12.20 -4.34
C ILE A 339 7.77 -10.83 -4.25
N THR A 340 7.25 -9.88 -5.01
CA THR A 340 7.73 -8.53 -4.88
C THR A 340 7.03 -7.85 -3.67
N TYR A 341 7.82 -7.47 -2.69
CA TYR A 341 7.30 -7.08 -1.36
C TYR A 341 7.55 -5.58 -1.32
N TYR A 342 6.51 -4.82 -1.62
CA TYR A 342 6.55 -3.37 -1.46
C TYR A 342 6.38 -3.03 0.00
N MET A 343 7.46 -2.76 0.70
CA MET A 343 7.40 -2.70 2.16
C MET A 343 6.91 -1.32 2.50
N ARG A 344 5.79 -1.23 3.18
CA ARG A 344 5.21 0.08 3.54
C ARG A 344 5.15 0.28 5.05
N GLY A 345 4.66 1.42 5.49
CA GLY A 345 4.48 1.67 6.93
C GLY A 345 3.50 0.67 7.56
N ALA A 346 3.96 0.02 8.62
CA ALA A 346 3.25 -1.09 9.29
C ALA A 346 3.22 -0.80 10.87
N PRO A 347 2.68 -1.64 11.78
CA PRO A 347 1.93 -2.86 11.54
C PRO A 347 0.49 -2.63 10.95
N ALA A 348 -0.23 -3.74 10.80
CA ALA A 348 -1.60 -3.76 10.32
C ALA A 348 -1.76 -2.85 9.04
N THR A 349 -2.82 -2.03 8.94
CA THR A 349 -3.00 -1.15 7.75
C THR A 349 -1.86 -0.11 7.71
N GLY A 350 -1.51 0.38 8.91
CA GLY A 350 -0.28 1.10 9.13
C GLY A 350 -0.30 2.53 8.59
N LEU A 351 0.57 2.76 7.63
CA LEU A 351 0.54 4.01 6.87
C LEU A 351 0.58 3.53 5.44
N PRO A 352 -0.63 3.34 4.82
CA PRO A 352 -0.74 2.72 3.51
C PRO A 352 0.05 3.42 2.38
N THR A 353 0.25 4.74 2.53
CA THR A 353 0.92 5.63 1.55
C THR A 353 2.35 5.99 1.99
N ARG A 354 2.82 5.50 3.15
CA ARG A 354 4.18 5.78 3.60
C ARG A 354 5.02 4.52 3.60
N SER A 355 6.29 4.64 3.94
CA SER A 355 7.24 3.54 3.69
C SER A 355 7.75 2.99 5.01
N GLY A 356 8.49 1.89 4.97
CA GLY A 356 9.10 1.33 6.19
C GLY A 356 9.97 0.15 5.81
N GLN A 357 10.83 -0.21 6.74
CA GLN A 357 11.80 -1.31 6.62
C GLN A 357 11.63 -2.20 7.78
N ALA A 358 10.40 -2.29 8.27
CA ALA A 358 10.10 -2.96 9.52
C ALA A 358 9.65 -4.40 9.37
N ASP A 359 9.72 -5.00 8.20
CA ASP A 359 9.20 -6.37 7.97
C ASP A 359 10.31 -7.28 7.46
N LEU A 360 11.59 -6.90 7.67
CA LEU A 360 12.71 -7.71 7.11
C LEU A 360 12.80 -9.05 7.76
N LYS A 361 12.78 -9.08 9.08
CA LYS A 361 12.84 -10.39 9.78
C LYS A 361 11.67 -11.31 9.57
N PHE A 362 10.47 -10.75 9.52
CA PHE A 362 9.32 -11.51 9.08
C PHE A 362 9.51 -12.16 7.69
N ALA A 363 9.98 -11.37 6.77
CA ALA A 363 10.29 -11.83 5.45
C ALA A 363 11.31 -12.98 5.47
N LEU A 364 12.29 -12.88 6.33
CA LEU A 364 13.34 -13.94 6.43
C LEU A 364 12.81 -15.20 7.08
N ASN A 365 11.66 -15.13 7.75
CA ASN A 365 11.14 -16.28 8.50
C ASN A 365 9.69 -16.55 8.20
N VAL A 366 9.24 -16.17 7.02
CA VAL A 366 7.84 -16.20 6.72
C VAL A 366 7.34 -17.61 6.61
N GLY A 367 6.27 -17.84 7.37
CA GLY A 367 5.60 -19.12 7.30
C GLY A 367 6.28 -20.21 8.09
N HIS A 368 5.57 -21.30 8.25
CA HIS A 368 6.01 -22.34 9.15
C HIS A 368 6.96 -23.31 8.40
N GLY A 369 7.83 -23.93 9.16
CA GLY A 369 8.83 -24.86 8.65
C GLY A 369 10.12 -24.18 8.28
N GLU A 370 11.15 -24.99 8.06
CA GLU A 370 12.44 -24.53 7.57
C GLU A 370 12.52 -24.95 6.14
N PHE A 371 12.85 -24.01 5.26
CA PHE A 371 12.98 -24.17 3.82
C PHE A 371 13.71 -22.89 3.34
N PRO A 372 14.44 -22.92 2.19
CA PRO A 372 15.12 -21.68 1.78
C PRO A 372 14.13 -20.59 1.34
N ARG A 373 14.27 -19.46 1.96
CA ARG A 373 13.64 -18.21 1.56
C ARG A 373 14.78 -17.30 1.15
N ILE A 374 14.96 -17.13 -0.16
CA ILE A 374 15.98 -16.22 -0.66
C ILE A 374 15.42 -14.81 -0.57
N VAL A 375 16.11 -13.89 0.09
CA VAL A 375 15.63 -12.54 0.30
C VAL A 375 16.63 -11.50 -0.20
N ILE A 376 16.21 -10.66 -1.14
CA ILE A 376 17.05 -9.50 -1.57
C ILE A 376 16.26 -8.21 -1.35
N ALA A 377 16.98 -7.12 -1.28
CA ALA A 377 16.35 -5.82 -1.11
C ALA A 377 17.11 -4.80 -1.95
N SER A 378 16.37 -4.14 -2.81
CA SER A 378 16.92 -3.17 -3.74
C SER A 378 17.20 -1.87 -3.01
N GLY A 379 18.33 -1.28 -3.32
CA GLY A 379 18.74 -0.04 -2.62
C GLY A 379 18.48 1.26 -3.42
N ASP A 380 18.16 1.12 -4.70
CA ASP A 380 17.85 2.27 -5.52
C ASP A 380 17.21 1.81 -6.82
N HIS A 381 16.89 2.75 -7.70
CA HIS A 381 16.10 2.41 -8.84
C HIS A 381 16.78 1.49 -9.78
N VAL A 382 18.08 1.69 -10.04
CA VAL A 382 18.75 0.78 -11.01
C VAL A 382 18.86 -0.62 -10.46
N GLU A 383 19.15 -0.77 -9.17
CA GLU A 383 19.13 -2.11 -8.56
C GLU A 383 17.82 -2.85 -8.75
N ILE A 384 16.70 -2.13 -8.68
CA ILE A 384 15.40 -2.76 -8.75
C ILE A 384 15.32 -3.51 -10.03
N PHE A 385 15.74 -2.89 -11.10
CA PHE A 385 15.70 -3.58 -12.46
C PHE A 385 16.43 -4.90 -12.50
N TRP A 386 17.71 -4.84 -12.18
CA TRP A 386 18.59 -6.04 -12.18
C TRP A 386 18.25 -7.07 -11.05
N ASP A 387 17.86 -6.58 -9.88
CA ASP A 387 17.40 -7.43 -8.76
C ASP A 387 16.15 -8.21 -9.15
N ALA A 388 15.20 -7.58 -9.88
CA ALA A 388 14.04 -8.26 -10.44
C ALA A 388 14.42 -9.44 -11.36
N ILE A 389 15.42 -9.27 -12.21
CA ILE A 389 15.80 -10.39 -13.09
C ILE A 389 16.49 -11.44 -12.25
N TRP A 390 17.41 -10.98 -11.40
CA TRP A 390 18.12 -11.86 -10.47
C TRP A 390 17.16 -12.72 -9.61
N ALA A 391 16.19 -12.08 -8.95
CA ALA A 391 15.12 -12.81 -8.26
C ALA A 391 14.52 -13.96 -9.06
N LEU A 392 14.16 -13.72 -10.31
CA LEU A 392 13.53 -14.76 -11.09
C LEU A 392 14.50 -15.92 -11.36
N ASN A 393 15.75 -15.61 -11.63
CA ASN A 393 16.75 -16.64 -11.87
C ASN A 393 17.03 -17.37 -10.62
N LEU A 394 17.08 -16.69 -9.49
CA LEU A 394 17.29 -17.36 -8.21
C LEU A 394 16.21 -18.33 -7.93
N ALA A 395 14.98 -17.97 -8.29
CA ALA A 395 13.86 -18.79 -7.96
C ALA A 395 13.93 -20.09 -8.70
N GLU A 396 14.27 -20.02 -9.99
CA GLU A 396 14.36 -21.27 -10.78
C GLU A 396 15.65 -22.05 -10.55
N LYS A 397 16.76 -21.39 -10.22
CA LYS A 397 18.01 -22.11 -9.93
C LYS A 397 17.91 -22.92 -8.64
N TYR A 398 17.26 -22.33 -7.62
CA TYR A 398 17.12 -22.98 -6.30
C TYR A 398 15.70 -23.52 -6.04
N GLN A 399 14.84 -23.44 -7.03
CA GLN A 399 13.51 -23.95 -6.93
C GLN A 399 12.89 -23.64 -5.57
N THR A 400 12.64 -22.39 -5.30
CA THR A 400 12.15 -21.98 -4.00
C THR A 400 11.68 -20.52 -4.06
N PRO A 401 10.83 -20.09 -3.13
CA PRO A 401 10.39 -18.68 -3.18
C PRO A 401 11.55 -17.70 -2.96
N VAL A 402 11.50 -16.63 -3.72
CA VAL A 402 12.37 -15.50 -3.55
C VAL A 402 11.51 -14.29 -3.25
N ILE A 403 11.90 -13.60 -2.21
CA ILE A 403 11.26 -12.35 -1.82
C ILE A 403 12.15 -11.20 -2.25
N HIS A 404 11.62 -10.34 -3.12
CA HIS A 404 12.26 -9.10 -3.57
C HIS A 404 11.72 -7.89 -2.86
N ILE A 405 12.45 -7.35 -1.90
CA ILE A 405 11.93 -6.24 -1.15
C ILE A 405 12.19 -4.98 -1.97
N ILE A 406 11.16 -4.16 -2.17
CA ILE A 406 11.28 -2.80 -2.65
C ILE A 406 10.50 -1.92 -1.68
N GLU A 407 11.16 -1.07 -0.93
CA GLU A 407 10.39 -0.07 -0.12
C GLU A 407 9.51 0.87 -0.93
N LYS A 408 8.36 1.18 -0.34
CA LYS A 408 7.45 2.11 -0.90
C LYS A 408 8.10 3.39 -1.37
N THR A 409 8.99 3.93 -0.55
CA THR A 409 9.74 5.12 -0.88
C THR A 409 10.34 5.02 -2.30
N LEU A 410 10.90 3.88 -2.69
CA LEU A 410 11.49 3.82 -4.08
C LEU A 410 10.45 3.64 -5.15
N ALA A 411 9.30 3.04 -4.77
CA ALA A 411 8.23 2.74 -5.71
C ALA A 411 7.65 4.04 -6.16
N ASN A 412 7.41 4.96 -5.24
CA ASN A 412 6.79 6.20 -5.64
C ASN A 412 7.80 7.32 -5.91
N ALA A 413 9.09 7.10 -5.66
CA ALA A 413 10.05 8.05 -6.13
C ALA A 413 10.34 7.77 -7.59
N TYR A 414 10.85 8.81 -8.28
CA TYR A 414 11.32 8.63 -9.63
C TYR A 414 12.65 9.26 -9.78
N SER A 415 13.39 8.80 -10.78
CA SER A 415 14.65 9.43 -11.06
C SER A 415 14.98 9.45 -12.55
N VAL A 416 15.87 10.37 -12.88
CA VAL A 416 16.33 10.52 -14.24
C VAL A 416 17.72 9.97 -14.19
N PHE A 417 18.02 9.02 -15.10
CA PHE A 417 19.34 8.44 -15.16
C PHE A 417 19.57 7.90 -16.62
N GLU A 418 20.81 7.54 -16.86
CA GLU A 418 21.26 7.06 -18.19
C GLU A 418 20.70 5.72 -18.52
N GLU A 419 19.91 5.70 -19.60
CA GLU A 419 19.27 4.49 -20.07
C GLU A 419 20.15 3.22 -20.03
N GLU A 420 21.44 3.42 -20.27
CA GLU A 420 22.38 2.35 -20.47
C GLU A 420 22.63 1.54 -19.19
N LEU A 421 22.39 2.19 -18.05
CA LEU A 421 22.37 1.50 -16.78
C LEU A 421 21.44 0.31 -16.75
N ILE A 422 20.36 0.28 -17.54
CA ILE A 422 19.47 -0.90 -17.64
C ILE A 422 19.43 -1.62 -19.05
N THR A 423 20.33 -1.21 -19.97
CA THR A 423 20.46 -1.88 -21.32
C THR A 423 21.87 -2.38 -21.67
N ASN A 424 22.90 -1.87 -20.99
CA ASN A 424 24.23 -2.21 -21.36
C ASN A 424 24.57 -3.68 -21.15
N ARG A 425 24.24 -4.24 -19.99
CA ARG A 425 24.57 -5.66 -19.77
C ARG A 425 23.49 -6.53 -20.30
N PRO A 426 23.83 -7.78 -20.65
CA PRO A 426 22.84 -8.66 -21.25
C PRO A 426 21.81 -9.13 -20.16
N TYR A 427 20.62 -9.47 -20.63
CA TYR A 427 19.54 -9.92 -19.77
C TYR A 427 19.60 -11.45 -19.78
N VAL A 428 20.22 -12.01 -18.74
CA VAL A 428 20.55 -13.42 -18.64
C VAL A 428 19.42 -14.12 -17.96
N ILE A 429 18.99 -15.23 -18.54
CA ILE A 429 17.96 -16.05 -18.01
C ILE A 429 18.60 -17.43 -17.69
N GLU A 430 18.55 -17.78 -16.43
CA GLU A 430 19.13 -19.02 -15.91
C GLU A 430 17.99 -19.85 -15.34
N ARG A 431 17.64 -20.97 -16.02
CA ARG A 431 16.46 -21.78 -15.69
C ARG A 431 16.73 -23.00 -14.76
N GLY A 432 17.98 -23.22 -14.39
CA GLY A 432 18.38 -24.24 -13.43
C GLY A 432 18.19 -25.64 -13.96
N LYS A 433 17.91 -26.56 -13.04
CA LYS A 433 17.93 -27.99 -13.30
C LYS A 433 16.67 -28.57 -13.97
N ILE A 434 16.33 -28.01 -15.11
CA ILE A 434 15.20 -28.48 -15.92
C ILE A 434 15.64 -29.57 -16.87
N VAL A 435 14.84 -30.61 -17.00
CA VAL A 435 15.22 -31.78 -17.81
C VAL A 435 14.05 -32.28 -18.57
N LYS A 436 14.33 -33.09 -19.60
CA LYS A 436 13.31 -33.73 -20.41
C LYS A 436 13.02 -35.10 -19.77
N PRO A 437 11.76 -35.36 -19.34
CA PRO A 437 11.50 -36.68 -18.77
C PRO A 437 11.66 -37.77 -19.83
N THR A 438 12.33 -38.86 -19.46
CA THR A 438 12.61 -39.96 -20.42
C THR A 438 11.41 -40.93 -20.57
N SER A 439 10.42 -40.86 -19.68
CA SER A 439 9.29 -41.80 -19.65
C SER A 439 8.01 -41.15 -19.06
N ASP A 440 6.95 -41.95 -18.85
CA ASP A 440 5.60 -41.45 -18.47
C ASP A 440 5.47 -40.90 -17.02
N TYR A 441 6.31 -41.43 -16.11
CA TYR A 441 6.21 -41.20 -14.67
C TYR A 441 7.55 -40.64 -14.34
N PHE A 442 7.57 -39.56 -13.57
CA PHE A 442 8.83 -38.86 -13.25
C PHE A 442 8.87 -38.54 -11.74
N ASN A 443 10.01 -38.83 -11.12
CA ASN A 443 10.23 -38.53 -9.72
C ASN A 443 10.62 -37.05 -9.53
N ARG A 444 9.72 -36.22 -9.08
CA ARG A 444 10.00 -34.75 -9.02
C ARG A 444 11.01 -34.38 -7.92
N PHE A 445 11.19 -35.25 -6.92
CA PHE A 445 11.94 -34.95 -5.71
C PHE A 445 13.17 -35.80 -5.36
N GLU A 446 13.87 -36.25 -6.42
CA GLU A 446 15.19 -36.90 -6.28
C GLU A 446 16.12 -36.16 -5.32
N VAL A 447 16.61 -36.97 -4.41
CA VAL A 447 17.61 -36.60 -3.43
C VAL A 447 18.97 -36.53 -4.14
N THR A 448 19.56 -35.35 -4.21
CA THR A 448 20.89 -35.16 -4.77
C THR A 448 21.71 -34.52 -3.68
N GLU A 449 23.02 -34.46 -3.93
CA GLU A 449 23.96 -33.96 -2.96
C GLU A 449 23.81 -32.48 -2.72
N ASP A 450 23.54 -31.71 -3.78
CA ASP A 450 23.44 -30.26 -3.70
C ASP A 450 22.00 -29.74 -3.21
N GLY A 451 21.06 -30.67 -3.02
CA GLY A 451 19.67 -30.30 -2.65
C GLY A 451 18.67 -30.13 -3.78
N ILE A 452 19.15 -29.86 -5.00
CA ILE A 452 18.33 -29.42 -6.09
C ILE A 452 17.92 -30.61 -6.96
N SER A 453 16.63 -30.89 -7.01
CA SER A 453 16.10 -32.00 -7.76
C SER A 453 15.82 -31.52 -9.17
N PRO A 454 16.16 -32.33 -10.18
CA PRO A 454 15.72 -32.09 -11.51
C PRO A 454 14.22 -31.90 -11.59
N ARG A 455 13.81 -30.99 -12.45
CA ARG A 455 12.45 -30.51 -12.49
C ARG A 455 11.94 -30.71 -13.90
N VAL A 456 10.70 -31.12 -14.01
CA VAL A 456 9.96 -31.06 -15.26
C VAL A 456 8.64 -30.37 -14.95
N PHE A 457 7.97 -29.94 -16.01
CA PHE A 457 6.71 -29.17 -15.97
C PHE A 457 5.46 -30.04 -16.12
N LEU A 458 4.31 -29.56 -15.58
CA LEU A 458 3.05 -30.31 -15.70
C LEU A 458 2.75 -30.46 -17.17
N GLY A 459 2.29 -31.61 -17.55
CA GLY A 459 2.08 -31.88 -18.96
C GLY A 459 3.16 -32.79 -19.58
N GLN A 460 4.39 -32.68 -19.09
CA GLN A 460 5.52 -33.39 -19.70
C GLN A 460 5.62 -34.85 -19.24
N ALA A 461 5.11 -35.12 -18.02
CA ALA A 461 5.03 -36.48 -17.44
C ALA A 461 4.21 -36.42 -16.15
N SER A 462 3.84 -37.61 -15.66
CA SER A 462 3.15 -37.77 -14.39
C SER A 462 4.04 -37.31 -13.22
N ILE A 463 3.63 -36.23 -12.55
CA ILE A 463 4.31 -35.80 -11.34
C ILE A 463 3.32 -35.52 -10.23
N PHE A 464 3.83 -35.54 -8.99
CA PHE A 464 3.01 -35.31 -7.83
C PHE A 464 3.59 -34.24 -6.93
N TYR A 465 2.72 -33.33 -6.49
CA TYR A 465 3.06 -32.37 -5.45
C TYR A 465 2.11 -32.58 -4.31
N THR A 466 2.61 -32.35 -3.11
CA THR A 466 1.78 -32.33 -1.95
C THR A 466 2.34 -31.44 -0.84
N GLY A 467 1.42 -30.83 -0.10
CA GLY A 467 1.74 -30.11 1.16
C GLY A 467 2.32 -30.99 2.30
N ASP A 468 1.94 -32.28 2.34
CA ASP A 468 2.58 -33.25 3.26
C ASP A 468 4.02 -33.55 2.88
N GLU A 469 4.77 -33.95 3.92
CA GLU A 469 6.08 -34.52 3.65
C GLU A 469 5.94 -35.68 2.64
N HIS A 470 6.94 -35.82 1.79
CA HIS A 470 6.81 -36.71 0.63
C HIS A 470 8.15 -37.35 0.27
N ASN A 471 8.03 -38.47 -0.44
CA ASN A 471 9.23 -39.14 -0.99
C ASN A 471 9.54 -38.54 -2.37
N GLU A 472 10.45 -39.21 -3.08
CA GLU A 472 11.03 -38.73 -4.31
C GLU A 472 9.97 -38.71 -5.44
N GLU A 473 8.98 -39.58 -5.36
CA GLU A 473 7.88 -39.61 -6.33
C GLU A 473 6.82 -38.50 -6.00
N GLY A 474 6.93 -37.80 -4.85
CA GLY A 474 5.90 -36.86 -4.44
C GLY A 474 4.69 -37.43 -3.70
N HIS A 475 4.79 -38.67 -3.20
CA HIS A 475 3.65 -39.29 -2.51
C HIS A 475 3.84 -39.07 -1.02
N ILE A 476 2.70 -38.99 -0.32
CA ILE A 476 2.64 -38.69 1.13
C ILE A 476 3.44 -39.79 1.80
N THR A 477 4.41 -39.38 2.62
CA THR A 477 5.27 -40.30 3.32
C THR A 477 5.58 -39.74 4.73
N GLU A 478 5.27 -40.54 5.77
CA GLU A 478 5.62 -40.17 7.13
C GLU A 478 6.97 -40.79 7.60
N ASN A 479 7.44 -41.80 6.86
CA ASN A 479 8.71 -42.50 7.22
C ASN A 479 9.79 -41.62 7.79
N SER A 480 10.34 -42.00 8.94
CA SER A 480 11.31 -41.13 9.61
C SER A 480 12.55 -40.82 8.78
N ILE A 481 13.09 -41.83 8.14
CA ILE A 481 14.35 -41.70 7.41
C ILE A 481 14.14 -40.87 6.12
N ASN A 482 13.04 -41.12 5.42
CA ASN A 482 12.67 -40.27 4.28
C ASN A 482 12.56 -38.83 4.73
N ARG A 483 11.81 -38.64 5.82
CA ARG A 483 11.65 -37.32 6.39
C ARG A 483 13.00 -36.70 6.69
N MET A 484 13.89 -37.43 7.35
CA MET A 484 15.20 -36.86 7.65
C MET A 484 15.83 -36.40 6.36
N LYS A 485 15.81 -37.26 5.33
CA LYS A 485 16.50 -36.98 4.05
C LYS A 485 15.89 -35.83 3.21
N MET A 486 14.56 -35.81 3.05
CA MET A 486 13.85 -34.83 2.24
C MET A 486 13.94 -33.49 2.86
N TYR A 487 13.78 -33.44 4.19
CA TYR A 487 13.75 -32.15 4.85
C TYR A 487 15.13 -31.53 4.78
N GLU A 488 16.16 -32.31 5.03
CA GLU A 488 17.52 -31.82 4.79
C GLU A 488 17.77 -31.40 3.37
N LYS A 489 17.38 -32.24 2.43
CA LYS A 489 17.63 -31.95 1.01
C LYS A 489 17.10 -30.52 0.68
N ARG A 490 15.85 -30.18 1.06
CA ARG A 490 15.32 -28.84 0.69
C ARG A 490 16.18 -27.79 1.35
N ASN A 491 16.61 -28.00 2.59
CA ASN A 491 17.39 -26.96 3.29
C ASN A 491 18.80 -26.89 2.78
N LYS A 492 19.29 -27.98 2.21
CA LYS A 492 20.65 -27.98 1.69
C LYS A 492 20.81 -27.04 0.48
N LYS A 493 19.72 -26.72 -0.19
CA LYS A 493 19.75 -25.81 -1.30
C LYS A 493 20.25 -24.48 -0.90
N LEU A 494 20.06 -24.12 0.34
CA LEU A 494 20.42 -22.81 0.80
C LEU A 494 21.89 -22.81 1.03
N GLU A 495 22.43 -23.97 1.40
CA GLU A 495 23.92 -24.14 1.50
C GLU A 495 24.57 -24.06 0.07
N THR A 496 23.95 -24.72 -0.91
CA THR A 496 24.38 -24.66 -2.26
C THR A 496 24.35 -23.21 -2.72
N ALA A 497 23.24 -22.51 -2.47
CA ALA A 497 23.15 -21.09 -2.85
C ALA A 497 24.30 -20.33 -2.22
N ASP A 498 24.54 -20.55 -0.97
CA ASP A 498 25.57 -19.84 -0.25
C ASP A 498 27.00 -20.11 -0.79
N LYS A 499 27.26 -21.34 -1.29
CA LYS A 499 28.51 -21.66 -1.98
C LYS A 499 28.54 -21.04 -3.35
N GLU A 500 27.45 -21.10 -4.11
CA GLU A 500 27.49 -20.66 -5.49
C GLU A 500 27.41 -19.16 -5.79
N ILE A 501 26.84 -18.38 -4.86
CA ILE A 501 26.64 -16.98 -5.11
C ILE A 501 27.79 -16.25 -4.49
N PRO A 502 28.53 -15.44 -5.30
CA PRO A 502 29.61 -14.72 -4.66
C PRO A 502 29.09 -13.77 -3.57
N GLU A 503 29.74 -13.71 -2.42
CA GLU A 503 29.34 -12.81 -1.36
C GLU A 503 29.43 -11.36 -1.76
N GLU A 504 30.36 -11.04 -2.68
CA GLU A 504 30.52 -9.71 -3.27
C GLU A 504 29.29 -9.23 -4.04
N GLN A 505 28.59 -10.14 -4.68
CA GLN A 505 27.30 -9.79 -5.30
C GLN A 505 26.19 -9.42 -4.28
N ARG A 506 26.37 -9.76 -3.00
CA ARG A 506 25.31 -9.64 -2.00
C ARG A 506 25.35 -8.36 -1.13
N VAL A 507 26.33 -7.52 -1.38
CA VAL A 507 26.57 -6.24 -0.66
C VAL A 507 27.21 -5.25 -1.66
N ASN A 508 27.06 -3.95 -1.44
CA ASN A 508 27.79 -2.92 -2.14
C ASN A 508 28.61 -2.26 -1.05
N ILE A 509 29.93 -2.18 -1.30
CA ILE A 509 30.90 -1.59 -0.36
C ILE A 509 31.47 -0.41 -1.09
N VAL A 510 31.39 0.76 -0.47
CA VAL A 510 31.85 2.03 -1.07
C VAL A 510 32.69 2.72 -0.02
N GLY A 511 33.91 3.10 -0.40
CA GLY A 511 34.91 3.61 0.57
C GLY A 511 35.71 2.56 1.28
N ASP A 512 36.57 3.06 2.16
CA ASP A 512 37.44 2.24 3.02
C ASP A 512 37.75 3.10 4.20
N ALA A 513 37.21 2.80 5.36
CA ALA A 513 37.39 3.68 6.50
C ALA A 513 37.02 3.00 7.74
N ASP A 514 37.33 3.67 8.83
CA ASP A 514 37.12 3.20 10.14
C ASP A 514 35.72 3.48 10.63
N ILE A 515 34.98 4.40 9.99
CA ILE A 515 33.55 4.60 10.34
C ILE A 515 32.71 3.90 9.28
N VAL A 516 31.91 2.90 9.68
CA VAL A 516 31.07 2.15 8.74
C VAL A 516 29.65 2.59 8.91
N LEU A 517 29.04 2.89 7.80
CA LEU A 517 27.58 3.14 7.73
C LEU A 517 26.99 1.82 7.20
N LEU A 518 26.38 1.05 8.11
CA LEU A 518 25.76 -0.25 7.78
C LEU A 518 24.28 -0.11 7.50
N THR A 519 23.86 -0.52 6.33
CA THR A 519 22.52 -0.27 5.86
C THR A 519 22.06 -1.35 4.88
N TRP A 520 20.82 -1.15 4.43
CA TRP A 520 20.27 -1.94 3.31
C TRP A 520 19.16 -1.14 2.72
N GLY A 521 18.79 -1.36 1.46
CA GLY A 521 17.59 -0.66 0.92
C GLY A 521 17.76 0.85 0.69
N SER A 522 16.66 1.58 0.80
CA SER A 522 16.54 2.93 0.31
C SER A 522 17.53 3.94 0.87
N PRO A 523 18.01 3.79 2.14
CA PRO A 523 18.97 4.77 2.63
C PRO A 523 20.29 4.81 1.87
N LYS A 524 20.55 3.87 0.97
CA LYS A 524 21.77 3.83 0.21
C LYS A 524 22.08 5.22 -0.34
N GLY A 525 21.16 5.78 -1.12
CA GLY A 525 21.33 7.05 -1.79
C GLY A 525 21.72 8.22 -0.88
N ALA A 526 20.99 8.39 0.22
CA ALA A 526 21.22 9.48 1.15
C ALA A 526 22.56 9.34 1.82
N ILE A 527 22.98 8.11 2.07
CA ILE A 527 24.27 7.85 2.67
C ILE A 527 25.36 8.18 1.65
N LEU A 528 25.26 7.76 0.39
CA LEU A 528 26.35 8.00 -0.55
C LEU A 528 26.52 9.53 -0.69
N ASP A 529 25.43 10.27 -0.89
CA ASP A 529 25.53 11.74 -0.92
C ASP A 529 26.14 12.36 0.34
N ALA A 530 25.73 11.87 1.50
CA ALA A 530 26.26 12.32 2.80
C ALA A 530 27.77 12.07 3.00
N MET A 531 28.28 10.95 2.46
CA MET A 531 29.68 10.58 2.55
C MET A 531 30.59 11.61 1.87
N GLU A 532 30.25 12.03 0.66
CA GLU A 532 30.92 13.11 -0.09
C GLU A 532 30.97 14.44 0.69
N GLU A 533 29.85 14.88 1.27
CA GLU A 533 29.87 16.11 2.08
C GLU A 533 30.71 16.00 3.31
N LEU A 534 30.69 14.83 3.92
CA LEU A 534 31.48 14.61 5.14
C LEU A 534 32.96 14.50 4.83
N SER A 535 33.29 13.80 3.77
CA SER A 535 34.65 13.76 3.21
C SER A 535 35.30 15.17 3.13
N LYS A 536 34.63 16.07 2.40
CA LYS A 536 35.01 17.51 2.32
C LYS A 536 35.16 18.30 3.66
N ASP A 537 34.63 17.81 4.79
CA ASP A 537 34.99 18.34 6.14
C ASP A 537 35.98 17.44 6.89
N GLY A 538 36.74 16.60 6.17
CA GLY A 538 37.69 15.61 6.76
C GLY A 538 37.18 14.41 7.58
N ILE A 539 35.91 14.00 7.39
CA ILE A 539 35.31 12.83 8.08
C ILE A 539 35.28 11.69 7.08
N LYS A 540 36.15 10.69 7.27
CA LYS A 540 36.24 9.53 6.37
C LYS A 540 35.19 8.47 6.86
N THR A 541 34.33 8.01 5.93
CA THR A 541 33.36 6.96 6.17
C THR A 541 33.31 6.01 4.96
N MET A 542 32.77 4.82 5.19
CA MET A 542 32.45 3.83 4.13
C MET A 542 31.01 3.32 4.33
N MET A 543 30.40 2.86 3.26
CA MET A 543 29.03 2.30 3.33
C MET A 543 29.21 0.83 3.10
N VAL A 544 28.53 0.03 3.94
CA VAL A 544 28.33 -1.37 3.68
C VAL A 544 26.80 -1.60 3.59
N GLN A 545 26.35 -1.94 2.39
CA GLN A 545 24.93 -2.01 2.06
C GLN A 545 24.64 -3.43 1.70
N VAL A 546 23.77 -4.11 2.47
CA VAL A 546 23.47 -5.51 2.19
C VAL A 546 22.38 -5.52 1.17
N LYS A 547 22.54 -6.36 0.14
CA LYS A 547 21.54 -6.61 -0.87
C LYS A 547 20.81 -7.94 -0.64
N MET A 548 21.53 -9.01 -0.32
CA MET A 548 20.95 -10.31 -0.17
C MET A 548 21.09 -10.65 1.29
N PHE A 549 19.97 -10.74 2.04
CA PHE A 549 20.01 -11.11 3.45
C PHE A 549 19.99 -12.62 3.66
N ASN A 550 19.63 -13.40 2.63
CA ASN A 550 19.64 -14.86 2.76
C ASN A 550 19.85 -15.50 1.41
N PRO A 551 20.92 -16.29 1.20
CA PRO A 551 21.97 -16.56 2.17
C PRO A 551 22.77 -15.32 2.50
N TYR A 552 23.11 -15.11 3.76
CA TYR A 552 23.68 -13.88 4.23
C TYR A 552 25.19 -13.93 3.93
N PRO A 553 25.82 -12.79 3.52
CA PRO A 553 27.26 -12.81 3.17
C PRO A 553 28.14 -12.83 4.43
N LYS A 554 28.06 -13.88 5.18
CA LYS A 554 28.62 -13.80 6.52
C LYS A 554 30.19 -13.67 6.61
N ASN A 555 30.92 -14.35 5.73
CA ASN A 555 32.41 -14.26 5.82
C ASN A 555 32.89 -12.88 5.36
N LEU A 556 32.34 -12.42 4.25
CA LEU A 556 32.65 -11.09 3.78
C LEU A 556 32.30 -10.03 4.85
N MET A 557 31.19 -10.17 5.55
CA MET A 557 30.88 -9.18 6.57
C MET A 557 31.84 -9.26 7.75
N LYS A 558 32.27 -10.47 8.13
CA LYS A 558 33.31 -10.59 9.15
C LYS A 558 34.63 -9.91 8.77
N LYS A 559 35.05 -10.18 7.54
CA LYS A 559 36.31 -9.65 7.01
C LYS A 559 36.27 -8.13 6.98
N ILE A 560 35.16 -7.56 6.50
CA ILE A 560 35.01 -6.17 6.38
C ILE A 560 34.81 -5.42 7.69
N LEU A 561 33.94 -5.91 8.56
CA LEU A 561 33.63 -5.16 9.77
C LEU A 561 34.68 -5.36 10.90
N SER A 562 35.62 -6.29 10.65
CA SER A 562 36.82 -6.62 11.47
C SER A 562 37.13 -5.72 12.67
N GLY A 563 37.96 -4.70 12.45
CA GLY A 563 38.52 -3.98 13.58
C GLY A 563 37.97 -2.58 13.56
N LYS A 564 36.69 -2.45 13.19
CA LYS A 564 36.16 -1.14 12.84
C LYS A 564 35.75 -0.61 14.17
N SER A 565 36.07 0.64 14.44
CA SER A 565 35.63 1.22 15.70
C SER A 565 34.16 1.70 15.78
N LYS A 566 33.60 2.19 14.67
CA LYS A 566 32.16 2.60 14.63
C LYS A 566 31.50 1.80 13.52
N ILE A 567 30.37 1.19 13.90
CA ILE A 567 29.49 0.54 12.93
C ILE A 567 28.13 1.14 13.19
N ILE A 568 27.72 2.04 12.28
CA ILE A 568 26.46 2.79 12.44
C ILE A 568 25.39 2.21 11.52
N ALA A 569 24.37 1.57 12.11
CA ALA A 569 23.25 0.97 11.33
C ALA A 569 22.30 2.07 10.99
N VAL A 570 21.93 2.16 9.71
CA VAL A 570 21.05 3.22 9.26
C VAL A 570 19.87 2.51 8.58
N GLU A 571 18.70 2.62 9.19
CA GLU A 571 17.52 1.85 8.73
C GLU A 571 16.27 2.57 9.12
N ASN A 572 15.20 2.18 8.43
CA ASN A 572 13.91 2.77 8.58
C ASN A 572 13.01 1.87 9.46
N ASN A 573 13.48 1.57 10.65
CA ASN A 573 12.73 0.75 11.55
C ASN A 573 13.26 1.13 12.98
N TYR A 574 12.57 0.57 13.95
CA TYR A 574 12.84 0.79 15.36
C TYR A 574 13.91 -0.20 15.90
N ASN A 575 14.00 -1.41 15.36
CA ASN A 575 14.88 -2.41 15.99
C ASN A 575 16.19 -2.64 15.25
N ALA A 576 16.42 -1.94 14.16
CA ALA A 576 17.60 -2.11 13.31
C ALA A 576 17.72 -3.54 12.91
N GLN A 577 16.69 -4.00 12.24
CA GLN A 577 16.58 -5.40 11.90
C GLN A 577 17.75 -5.90 11.04
N GLY A 578 18.22 -5.10 10.11
CA GLY A 578 19.45 -5.45 9.36
C GLY A 578 20.68 -5.68 10.26
N ALA A 579 20.86 -4.83 11.26
CA ALA A 579 21.94 -5.05 12.25
C ALA A 579 21.64 -6.32 13.11
N GLU A 580 20.36 -6.59 13.44
CA GLU A 580 20.05 -7.82 14.14
C GLU A 580 20.46 -9.08 13.34
N VAL A 581 20.27 -9.09 12.05
CA VAL A 581 20.69 -10.27 11.27
C VAL A 581 22.22 -10.39 11.20
N LEU A 582 22.93 -9.27 11.03
CA LEU A 582 24.38 -9.30 11.12
C LEU A 582 24.83 -9.94 12.44
N ALA A 583 24.30 -9.47 13.55
CA ALA A 583 24.64 -9.98 14.84
C ALA A 583 24.31 -11.52 14.99
N GLU A 584 23.11 -11.98 14.57
CA GLU A 584 22.83 -13.41 14.56
C GLU A 584 23.85 -14.21 13.73
N LYS A 585 24.35 -13.67 12.61
CA LYS A 585 25.17 -14.48 11.68
C LYS A 585 26.68 -14.43 12.02
N THR A 586 27.11 -13.39 12.70
CA THR A 586 28.53 -13.19 12.92
C THR A 586 28.85 -12.84 14.33
N GLY A 587 27.90 -12.47 15.19
CA GLY A 587 28.27 -11.90 16.51
C GLY A 587 28.74 -10.47 16.46
N ILE A 588 28.76 -9.79 15.30
CA ILE A 588 29.21 -8.37 15.31
C ILE A 588 28.00 -7.44 15.57
N PHE A 589 28.12 -6.60 16.58
CA PHE A 589 27.08 -5.65 16.98
C PHE A 589 27.37 -4.23 16.51
N ALA A 590 26.34 -3.54 16.06
CA ALA A 590 26.50 -2.20 15.61
C ALA A 590 26.81 -1.40 16.87
N THR A 591 27.58 -0.35 16.72
CA THR A 591 27.98 0.48 17.87
C THR A 591 26.98 1.56 18.12
N ASN A 592 26.35 2.07 17.03
CA ASN A 592 25.35 3.13 17.05
C ASN A 592 24.28 2.94 15.94
N TYR A 593 23.22 3.74 16.00
CA TYR A 593 22.10 3.64 15.09
C TYR A 593 21.60 5.01 14.65
N ILE A 594 21.31 5.12 13.35
CA ILE A 594 20.48 6.23 12.84
C ILE A 594 19.16 5.63 12.31
N LEU A 595 18.05 6.02 12.90
CA LEU A 595 16.79 5.26 12.76
C LEU A 595 15.62 6.14 12.43
N LYS A 596 14.77 5.68 11.54
CA LYS A 596 13.58 6.46 11.20
C LYS A 596 12.42 5.59 10.95
N TRP A 597 11.34 5.89 11.67
CA TRP A 597 10.16 5.07 11.55
C TRP A 597 8.92 5.92 11.31
N THR A 598 9.09 7.10 10.75
CA THR A 598 7.95 7.93 10.47
C THR A 598 7.31 7.61 9.15
N GLY A 599 7.93 6.87 8.28
CA GLY A 599 7.33 6.55 7.02
C GLY A 599 7.84 7.39 5.86
N ARG A 600 8.56 8.47 6.14
CA ARG A 600 9.12 9.39 5.12
C ARG A 600 10.61 9.06 4.97
N PRO A 601 11.16 9.13 3.73
CA PRO A 601 12.58 8.76 3.47
C PRO A 601 13.61 9.44 4.33
N ILE A 602 14.72 8.76 4.61
CA ILE A 602 15.86 9.43 5.22
C ILE A 602 16.51 10.35 4.20
N THR A 603 16.82 11.58 4.60
CA THR A 603 17.44 12.56 3.69
C THR A 603 18.94 12.55 3.88
N ARG A 604 19.64 13.08 2.89
CA ARG A 604 21.07 13.35 2.99
C ARG A 604 21.47 14.05 4.24
N GLU A 605 20.78 15.13 4.56
CA GLU A 605 21.19 15.96 5.71
C GLU A 605 20.91 15.26 7.04
N GLU A 606 19.85 14.45 7.08
CA GLU A 606 19.60 13.63 8.31
C GLU A 606 20.78 12.70 8.65
N VAL A 607 21.35 12.09 7.64
CA VAL A 607 22.52 11.24 7.78
C VAL A 607 23.82 11.98 8.22
N ILE A 608 24.10 13.13 7.55
CA ILE A 608 25.23 14.01 7.91
C ILE A 608 25.09 14.38 9.41
N GLU A 609 23.94 14.92 9.78
CA GLU A 609 23.72 15.41 11.17
C GLU A 609 23.70 14.24 12.13
N GLY A 610 23.23 13.05 11.67
CA GLY A 610 23.22 11.83 12.48
C GLY A 610 24.63 11.37 12.80
N ILE A 611 25.45 11.30 11.76
CA ILE A 611 26.81 10.88 11.89
C ILE A 611 27.59 11.84 12.81
N LYS A 612 27.38 13.16 12.67
CA LYS A 612 28.07 14.14 13.53
C LYS A 612 27.60 14.07 14.95
N LYS A 613 26.32 13.87 15.16
CA LYS A 613 25.83 13.68 16.54
C LYS A 613 26.52 12.46 17.23
N ILE A 614 26.75 11.41 16.47
CA ILE A 614 27.36 10.18 16.98
C ILE A 614 28.87 10.42 17.20
N LEU A 615 29.55 11.08 16.27
CA LEU A 615 31.00 11.29 16.41
C LEU A 615 31.32 12.29 17.52
N GLU A 616 30.49 13.30 17.73
CA GLU A 616 30.76 14.42 18.63
C GLU A 616 30.12 14.25 20.01
N ARG A 617 29.27 13.24 20.21
CA ARG A 617 28.83 12.87 21.58
C ARG A 617 28.45 11.39 21.84
N ASP A 618 28.91 10.46 20.99
CA ASP A 618 28.56 9.02 21.06
C ASP A 618 27.08 8.77 21.39
N GLU A 619 26.19 9.59 20.85
CA GLU A 619 24.75 9.26 20.90
C GLU A 619 24.54 7.84 20.37
N LYS A 620 23.80 7.06 21.13
CA LYS A 620 23.68 5.61 20.83
C LYS A 620 22.67 5.39 19.66
N ARG A 621 21.50 6.01 19.80
CA ARG A 621 20.43 6.00 18.83
C ARG A 621 20.04 7.43 18.45
N VAL A 622 20.36 7.84 17.22
CA VAL A 622 19.75 9.06 16.63
C VAL A 622 18.42 8.65 15.95
N VAL A 623 17.33 9.26 16.41
CA VAL A 623 16.02 9.08 15.92
C VAL A 623 15.60 10.28 15.10
N LEU A 624 15.29 10.01 13.83
CA LEU A 624 14.91 11.00 12.86
C LEU A 624 13.39 11.14 12.72
N TYR A 625 12.93 12.32 12.30
CA TYR A 625 11.50 12.56 12.14
C TYR A 625 11.07 13.72 11.22
N GLY A 626 11.96 14.19 10.33
CA GLY A 626 11.59 15.27 9.39
C GLY A 626 10.84 14.78 8.17
N GLY A 627 10.06 15.68 7.57
CA GLY A 627 9.11 15.36 6.49
C GLY A 627 7.69 15.52 7.04
N ALA A 628 6.84 16.30 6.35
CA ALA A 628 5.38 16.47 6.65
C ALA A 628 4.44 15.21 6.49
N PHE B 8 -10.97 15.34 10.31
CA PHE B 8 -11.42 15.88 8.97
C PHE B 8 -12.18 14.74 8.27
N VAL B 9 -13.40 15.06 7.82
CA VAL B 9 -14.22 14.14 7.02
C VAL B 9 -13.71 14.22 5.56
N ASP B 10 -12.85 13.27 5.17
CA ASP B 10 -11.94 13.42 3.99
C ASP B 10 -12.39 12.73 2.66
N TRP B 11 -13.66 12.32 2.60
CA TRP B 11 -14.26 11.80 1.35
C TRP B 11 -14.43 12.91 0.30
N CYS B 12 -14.35 12.52 -0.98
CA CYS B 12 -14.58 13.45 -2.09
C CYS B 12 -15.97 14.13 -2.01
N PRO B 13 -16.08 15.42 -2.44
CA PRO B 13 -17.43 15.98 -2.67
C PRO B 13 -18.22 15.23 -3.80
N GLY B 14 -19.48 14.87 -3.51
CA GLY B 14 -20.33 14.01 -4.36
C GLY B 14 -20.59 12.62 -3.78
N CYS B 15 -19.56 12.04 -3.14
CA CYS B 15 -19.49 10.62 -2.66
C CYS B 15 -20.73 9.65 -2.61
N GLY B 16 -21.65 9.85 -1.67
CA GLY B 16 -22.70 8.85 -1.37
C GLY B 16 -22.60 8.38 0.09
N ASP B 17 -21.36 8.11 0.54
CA ASP B 17 -21.05 7.71 1.93
C ASP B 17 -21.64 8.67 2.99
N PHE B 18 -21.77 9.97 2.66
CA PHE B 18 -22.43 11.00 3.51
C PHE B 18 -23.86 10.63 3.83
N GLY B 19 -24.64 10.21 2.82
CA GLY B 19 -26.03 9.75 3.05
C GLY B 19 -26.18 8.53 3.98
N ILE B 20 -25.28 7.56 3.86
CA ILE B 20 -25.34 6.36 4.71
C ILE B 20 -25.05 6.75 6.17
N LEU B 21 -23.93 7.44 6.39
CA LEU B 21 -23.56 8.01 7.71
C LEU B 21 -24.79 8.68 8.36
N ARG B 22 -25.37 9.63 7.64
CA ARG B 22 -26.57 10.39 8.07
C ARG B 22 -27.72 9.42 8.47
N ALA B 23 -28.02 8.47 7.60
CA ALA B 23 -29.12 7.53 7.87
C ALA B 23 -28.83 6.52 9.03
N GLU B 24 -27.56 6.18 9.22
CA GLU B 24 -27.17 5.23 10.28
C GLU B 24 -27.33 5.94 11.62
N GLU B 25 -26.80 7.16 11.63
CA GLU B 25 -26.87 8.08 12.78
C GLU B 25 -28.31 8.22 13.24
N MET B 26 -29.20 8.50 12.29
CA MET B 26 -30.63 8.64 12.60
C MET B 26 -31.28 7.35 13.11
N ALA B 27 -30.87 6.21 12.57
CA ALA B 27 -31.37 4.93 13.06
C ALA B 27 -31.05 4.68 14.56
N ILE B 28 -29.80 4.95 14.94
CA ILE B 28 -29.35 4.77 16.34
C ILE B 28 -30.16 5.71 17.24
N ARG B 29 -30.16 7.00 16.91
CA ARG B 29 -30.99 8.01 17.64
C ARG B 29 -32.41 7.58 17.84
N GLU B 30 -33.17 7.37 16.77
CA GLU B 30 -34.61 7.06 16.90
C GLU B 30 -34.97 5.74 17.58
N LEU B 31 -33.98 4.87 17.72
CA LEU B 31 -34.17 3.65 18.48
C LEU B 31 -34.02 3.88 19.99
N GLY B 32 -33.48 5.03 20.41
CA GLY B 32 -33.11 5.21 21.83
C GLY B 32 -32.17 4.14 22.41
N ILE B 33 -31.22 3.66 21.63
CA ILE B 33 -30.25 2.67 22.12
C ILE B 33 -29.25 3.57 22.76
N ASN B 34 -28.79 3.23 23.96
CA ASN B 34 -27.69 3.99 24.52
C ASN B 34 -26.42 3.91 23.59
N PRO B 35 -25.98 5.02 23.03
CA PRO B 35 -24.87 5.00 22.06
C PRO B 35 -23.56 4.36 22.56
N LYS B 36 -23.32 4.46 23.87
CA LYS B 36 -22.19 3.84 24.54
C LYS B 36 -22.12 2.34 24.28
N SER B 37 -23.28 1.72 24.15
CA SER B 37 -23.40 0.31 23.89
C SER B 37 -23.39 -0.07 22.40
N VAL B 38 -23.14 0.89 21.50
CA VAL B 38 -23.12 0.69 20.04
C VAL B 38 -21.70 0.67 19.52
N VAL B 39 -21.32 -0.45 18.89
CA VAL B 39 -19.99 -0.63 18.25
C VAL B 39 -20.24 -0.75 16.74
N ILE B 40 -19.70 0.16 15.99
CA ILE B 40 -19.66 0.06 14.56
C ILE B 40 -18.33 -0.54 14.19
N VAL B 41 -18.38 -1.63 13.46
CA VAL B 41 -17.19 -2.39 13.06
C VAL B 41 -17.13 -2.22 11.54
N SER B 42 -16.07 -1.60 11.03
CA SER B 42 -15.99 -1.27 9.62
C SER B 42 -14.66 -1.71 8.94
N GLY B 43 -14.76 -2.07 7.65
CA GLY B 43 -13.62 -2.58 6.86
C GLY B 43 -12.61 -1.56 6.33
N ILE B 44 -11.74 -1.98 5.42
CA ILE B 44 -10.73 -1.09 4.81
C ILE B 44 -11.31 -0.56 3.49
N GLY B 45 -10.92 0.68 3.18
CA GLY B 45 -11.49 1.46 2.10
C GLY B 45 -12.01 2.77 2.65
N CYS B 46 -12.44 3.64 1.73
CA CYS B 46 -13.10 4.91 2.06
C CYS B 46 -14.35 4.68 2.90
N SER B 47 -15.16 3.66 2.52
CA SER B 47 -16.25 3.10 3.38
C SER B 47 -15.81 2.86 4.84
N GLY B 48 -14.63 2.23 4.98
CA GLY B 48 -13.97 1.98 6.25
C GLY B 48 -13.79 3.09 7.25
N LYS B 49 -13.59 4.33 6.79
CA LYS B 49 -13.38 5.45 7.72
C LYS B 49 -14.58 5.78 8.63
N ILE B 50 -15.82 5.55 8.14
CA ILE B 50 -17.16 5.99 8.71
C ILE B 50 -17.40 6.30 10.24
N PRO B 51 -17.23 5.33 11.17
CA PRO B 51 -17.49 5.67 12.60
C PRO B 51 -16.68 6.88 13.15
N HIS B 52 -15.44 7.04 12.62
CA HIS B 52 -14.50 8.15 12.90
C HIS B 52 -15.14 9.53 12.69
N PHE B 53 -16.18 9.59 11.86
CA PHE B 53 -16.86 10.83 11.50
C PHE B 53 -18.29 10.97 12.10
N MET B 54 -18.66 10.14 13.09
CA MET B 54 -20.00 10.28 13.66
C MET B 54 -20.00 11.34 14.77
N ASN B 55 -21.20 11.81 15.14
CA ASN B 55 -21.45 12.85 16.20
C ASN B 55 -22.18 12.35 17.51
N LEU B 56 -22.23 11.04 17.75
CA LEU B 56 -22.69 10.43 19.05
C LEU B 56 -21.47 9.71 19.68
N PRO B 57 -21.52 9.39 21.01
CA PRO B 57 -20.44 8.57 21.69
C PRO B 57 -20.48 7.01 21.43
N ILE B 58 -20.71 6.66 20.18
CA ILE B 58 -20.62 5.27 19.69
C ILE B 58 -19.14 4.90 19.68
N SER B 59 -18.85 3.62 19.66
CA SER B 59 -17.50 3.18 19.54
C SER B 59 -17.25 2.65 18.11
N GLY B 60 -16.02 2.83 17.66
CA GLY B 60 -15.57 2.39 16.31
C GLY B 60 -14.44 1.38 16.36
N VAL B 61 -14.52 0.38 15.50
CA VAL B 61 -13.51 -0.64 15.40
C VAL B 61 -13.22 -0.70 13.91
N HIS B 62 -12.07 -0.20 13.50
CA HIS B 62 -11.76 -0.11 12.08
C HIS B 62 -10.83 -1.25 11.85
N THR B 63 -11.31 -2.22 11.10
CA THR B 63 -10.62 -3.47 11.04
C THR B 63 -9.97 -3.65 9.69
N LEU B 64 -9.20 -4.72 9.64
CA LEU B 64 -8.68 -5.35 8.46
C LEU B 64 -9.71 -5.54 7.35
N HIS B 65 -9.13 -5.60 6.17
CA HIS B 65 -9.85 -5.66 4.94
C HIS B 65 -10.52 -7.05 4.80
N GLY B 66 -11.86 -7.06 4.71
CA GLY B 66 -12.71 -8.27 4.70
C GLY B 66 -12.92 -8.97 6.03
N ARG B 67 -12.40 -8.46 7.14
CA ARG B 67 -12.42 -9.22 8.37
C ARG B 67 -13.40 -8.68 9.44
N SER B 68 -14.19 -7.71 9.05
CA SER B 68 -15.14 -7.11 10.00
C SER B 68 -16.14 -8.07 10.64
N ILE B 69 -16.70 -8.96 9.82
CA ILE B 69 -17.69 -9.83 10.33
C ILE B 69 -17.11 -10.73 11.44
N ALA B 70 -15.87 -11.19 11.27
CA ALA B 70 -15.24 -12.05 12.22
C ALA B 70 -15.00 -11.27 13.51
N PHE B 71 -14.56 -10.02 13.44
CA PHE B 71 -14.37 -9.21 14.65
C PHE B 71 -15.67 -8.99 15.35
N ALA B 72 -16.67 -8.59 14.58
CA ALA B 72 -18.00 -8.33 15.12
C ALA B 72 -18.52 -9.54 15.86
N THR B 73 -18.27 -10.70 15.30
CA THR B 73 -18.71 -11.95 15.91
C THR B 73 -18.12 -12.11 17.31
N GLY B 74 -16.82 -11.90 17.42
CA GLY B 74 -16.18 -12.01 18.73
C GLY B 74 -16.76 -11.00 19.75
N ILE B 75 -16.86 -9.77 19.31
CA ILE B 75 -17.42 -8.72 20.13
C ILE B 75 -18.81 -9.09 20.62
N LYS B 76 -19.70 -9.47 19.70
CA LYS B 76 -21.10 -9.69 20.04
C LYS B 76 -21.26 -10.87 20.97
N LEU B 77 -20.57 -11.96 20.65
CA LEU B 77 -20.76 -13.16 21.44
C LEU B 77 -20.21 -13.05 22.85
N SER B 78 -19.24 -12.16 23.04
CA SER B 78 -18.60 -11.92 24.32
C SER B 78 -19.41 -10.94 25.14
N ASN B 79 -20.11 -10.04 24.47
CA ASN B 79 -21.00 -9.09 25.14
C ASN B 79 -22.24 -8.83 24.32
N PRO B 80 -23.23 -9.72 24.42
CA PRO B 80 -24.44 -9.60 23.65
C PRO B 80 -25.37 -8.39 23.94
N SER B 81 -25.05 -7.60 24.98
CA SER B 81 -25.77 -6.37 25.30
C SER B 81 -25.23 -5.23 24.47
N LEU B 82 -24.08 -5.41 23.80
CA LEU B 82 -23.65 -4.41 22.82
C LEU B 82 -24.50 -4.58 21.62
N GLU B 83 -24.75 -3.46 20.93
CA GLU B 83 -25.47 -3.44 19.67
C GLU B 83 -24.42 -3.32 18.56
N VAL B 84 -24.23 -4.38 17.75
CA VAL B 84 -23.04 -4.46 16.85
C VAL B 84 -23.45 -4.33 15.39
N ILE B 85 -22.88 -3.36 14.70
CA ILE B 85 -23.27 -3.07 13.33
C ILE B 85 -22.02 -3.16 12.50
N VAL B 86 -22.08 -3.86 11.36
CA VAL B 86 -20.92 -3.96 10.45
C VAL B 86 -21.16 -3.10 9.19
N ASN B 87 -20.25 -2.18 8.89
CA ASN B 87 -20.23 -1.42 7.66
C ASN B 87 -19.03 -1.90 6.84
N VAL B 88 -19.28 -2.42 5.67
CA VAL B 88 -18.24 -2.93 4.85
C VAL B 88 -18.37 -2.37 3.40
N GLY B 89 -17.28 -1.94 2.80
CA GLY B 89 -17.24 -1.75 1.34
C GLY B 89 -17.53 -3.04 0.56
N ASP B 90 -17.74 -2.93 -0.76
CA ASP B 90 -17.96 -4.08 -1.67
C ASP B 90 -16.72 -4.89 -2.05
N GLY B 91 -15.58 -4.23 -2.23
CA GLY B 91 -14.29 -4.95 -2.34
C GLY B 91 -13.98 -5.74 -1.05
N ASP B 92 -14.23 -5.09 0.09
CA ASP B 92 -14.01 -5.58 1.46
C ASP B 92 -14.85 -6.87 1.75
N GLY B 93 -16.15 -6.74 2.06
CA GLY B 93 -17.04 -7.92 2.16
C GLY B 93 -17.21 -8.32 0.72
N LEU B 94 -17.76 -9.48 0.42
CA LEU B 94 -17.95 -9.86 -1.00
C LEU B 94 -16.65 -10.17 -1.80
N GLY B 95 -15.59 -9.37 -1.68
CA GLY B 95 -14.29 -9.78 -2.22
C GLY B 95 -13.48 -10.62 -1.23
N ILE B 96 -12.64 -9.91 -0.49
CA ILE B 96 -11.69 -10.54 0.44
C ILE B 96 -12.43 -11.25 1.56
N GLY B 97 -13.67 -10.82 1.87
CA GLY B 97 -14.44 -11.42 3.04
C GLY B 97 -15.62 -12.36 2.77
N MET B 98 -15.71 -12.88 1.56
CA MET B 98 -16.86 -13.63 1.13
C MET B 98 -17.11 -14.78 2.02
N GLY B 99 -16.05 -15.49 2.42
CA GLY B 99 -16.32 -16.64 3.30
C GLY B 99 -16.97 -16.23 4.61
N HIS B 100 -16.43 -15.20 5.26
CA HIS B 100 -16.98 -14.74 6.53
C HIS B 100 -18.41 -14.24 6.34
N PHE B 101 -18.65 -13.57 5.21
CA PHE B 101 -19.97 -13.12 4.84
C PHE B 101 -20.96 -14.30 4.81
N VAL B 102 -20.59 -15.41 4.15
CA VAL B 102 -21.53 -16.55 4.13
C VAL B 102 -21.74 -17.19 5.46
N HIS B 103 -20.65 -17.35 6.23
CA HIS B 103 -20.78 -18.07 7.49
C HIS B 103 -21.61 -17.37 8.55
N LEU B 104 -21.53 -16.05 8.62
CA LEU B 104 -22.42 -15.34 9.53
C LEU B 104 -23.88 -15.75 9.26
N GLY B 105 -24.23 -15.95 8.00
CA GLY B 105 -25.60 -16.36 7.62
C GLY B 105 -26.09 -17.65 8.26
N ARG B 106 -25.25 -18.68 8.28
CA ARG B 106 -25.48 -19.94 9.00
C ARG B 106 -25.55 -19.82 10.50
N ARG B 107 -24.83 -18.89 11.12
CA ARG B 107 -24.87 -18.75 12.57
C ARG B 107 -26.11 -17.97 13.01
N ASN B 108 -26.53 -16.98 12.23
CA ASN B 108 -27.67 -16.16 12.56
C ASN B 108 -27.47 -15.42 13.88
N ILE B 109 -26.33 -14.75 14.00
CA ILE B 109 -25.99 -13.91 15.17
C ILE B 109 -26.71 -12.58 15.02
N ASP B 110 -27.07 -11.95 16.12
CA ASP B 110 -27.90 -10.72 16.09
C ASP B 110 -27.04 -9.52 15.75
N ILE B 111 -26.85 -9.30 14.46
CA ILE B 111 -25.92 -8.30 13.95
C ILE B 111 -26.58 -7.78 12.69
N ALA B 112 -26.31 -6.54 12.35
CA ALA B 112 -26.76 -5.97 11.12
C ALA B 112 -25.55 -5.66 10.30
N VAL B 113 -25.57 -5.99 9.02
CA VAL B 113 -24.43 -5.77 8.11
C VAL B 113 -24.87 -4.85 7.00
N LEU B 114 -24.11 -3.80 6.74
CA LEU B 114 -24.43 -2.80 5.75
C LEU B 114 -23.32 -2.74 4.70
N VAL B 115 -23.65 -3.07 3.45
CA VAL B 115 -22.66 -3.12 2.38
C VAL B 115 -22.76 -1.85 1.51
N HIS B 116 -21.64 -1.18 1.32
CA HIS B 116 -21.53 0.07 0.59
C HIS B 116 -21.15 -0.33 -0.84
N ASN B 117 -22.18 -0.62 -1.63
CA ASN B 117 -22.00 -1.00 -3.01
C ASN B 117 -21.70 0.19 -3.98
N ASN B 118 -20.45 0.66 -4.01
CA ASN B 118 -20.05 1.74 -4.97
C ASN B 118 -19.55 1.25 -6.33
N GLY B 119 -19.34 -0.07 -6.47
CA GLY B 119 -18.80 -0.70 -7.70
C GLY B 119 -17.29 -0.70 -7.96
N VAL B 120 -16.48 -0.11 -7.07
CA VAL B 120 -15.00 -0.03 -7.24
C VAL B 120 -14.23 -0.23 -5.91
N TYR B 121 -12.91 -0.41 -6.07
CA TYR B 121 -11.88 -0.24 -5.00
C TYR B 121 -11.42 1.26 -4.99
N GLY B 122 -12.23 2.12 -4.32
CA GLY B 122 -12.04 3.60 -4.30
C GLY B 122 -10.67 4.03 -3.76
N LEU B 123 -10.42 3.71 -2.50
CA LEU B 123 -9.13 3.95 -1.85
C LEU B 123 -8.04 3.05 -2.46
N GLN B 127 -9.78 0.23 -9.08
CA GLN B 127 -9.93 -1.05 -9.77
C GLN B 127 -11.37 -1.56 -9.65
N ALA B 128 -11.73 -2.50 -10.52
CA ALA B 128 -13.08 -3.08 -10.52
C ALA B 128 -13.32 -3.93 -9.24
N SER B 129 -14.50 -3.75 -8.61
CA SER B 129 -14.91 -4.56 -7.42
C SER B 129 -15.72 -5.81 -7.85
N PRO B 130 -16.03 -6.73 -6.90
CA PRO B 130 -16.98 -7.86 -7.09
C PRO B 130 -18.43 -7.55 -7.58
N THR B 131 -18.90 -6.31 -7.39
CA THR B 131 -20.24 -5.87 -7.86
C THR B 131 -20.19 -4.88 -9.07
N LEU B 132 -19.14 -5.03 -9.90
CA LEU B 132 -19.06 -4.39 -11.22
C LEU B 132 -19.43 -5.43 -12.35
N HIS B 133 -20.39 -5.03 -13.20
CA HIS B 133 -20.95 -5.89 -14.28
C HIS B 133 -19.91 -6.06 -15.39
N ARG B 134 -19.96 -7.19 -16.10
CA ARG B 134 -18.91 -7.55 -17.08
C ARG B 134 -18.97 -6.68 -18.37
N GLY B 135 -17.80 -6.22 -18.84
CA GLY B 135 -17.68 -5.17 -19.85
C GLY B 135 -17.44 -3.81 -19.19
N GLU B 136 -17.92 -2.74 -19.85
CA GLU B 136 -17.96 -1.33 -19.35
C GLU B 136 -16.62 -0.66 -18.94
N ASN B 145 -13.61 -4.47 -17.53
CA ASN B 145 -13.68 -5.43 -16.41
C ASN B 145 -13.81 -6.83 -17.00
N ILE B 146 -12.89 -7.70 -16.59
CA ILE B 146 -12.74 -9.07 -17.09
C ILE B 146 -13.72 -10.06 -16.34
N MET B 147 -14.10 -9.76 -15.08
CA MET B 147 -14.98 -10.61 -14.22
C MET B 147 -16.49 -10.18 -14.10
N ASP B 148 -17.35 -11.17 -13.83
CA ASP B 148 -18.80 -10.92 -13.60
C ASP B 148 -19.07 -10.31 -12.21
N ALA B 149 -20.30 -9.81 -12.02
CA ALA B 149 -20.76 -9.29 -10.71
C ALA B 149 -21.51 -10.36 -9.90
N VAL B 150 -21.60 -10.18 -8.58
CA VAL B 150 -22.46 -11.09 -7.76
C VAL B 150 -23.61 -10.35 -7.14
N ASN B 151 -24.76 -11.02 -7.11
CA ASN B 151 -25.92 -10.52 -6.43
C ASN B 151 -25.71 -10.78 -4.94
N PRO B 152 -25.33 -9.75 -4.19
CA PRO B 152 -25.17 -9.90 -2.75
C PRO B 152 -26.39 -10.46 -2.05
N LEU B 153 -27.57 -10.15 -2.60
CA LEU B 153 -28.79 -10.51 -1.95
C LEU B 153 -29.06 -11.98 -2.13
N ALA B 154 -28.77 -12.48 -3.31
CA ALA B 154 -28.95 -13.92 -3.60
C ALA B 154 -27.93 -14.77 -2.79
N VAL B 155 -26.69 -14.29 -2.71
CA VAL B 155 -25.67 -14.95 -1.88
C VAL B 155 -26.11 -14.97 -0.47
N ALA B 156 -26.65 -13.85 0.02
CA ALA B 156 -27.09 -13.77 1.42
C ALA B 156 -28.27 -14.70 1.76
N LEU B 157 -29.19 -14.75 0.82
CA LEU B 157 -30.30 -15.69 0.92
C LEU B 157 -29.80 -17.14 0.96
N ALA B 158 -28.95 -17.54 0.02
CA ALA B 158 -28.48 -18.93 0.04
C ALA B 158 -27.58 -19.17 1.21
N ALA B 159 -26.89 -18.15 1.70
CA ALA B 159 -26.09 -18.31 2.93
C ALA B 159 -26.94 -18.49 4.17
N GLY B 160 -28.19 -18.07 4.15
CA GLY B 160 -29.07 -18.30 5.36
C GLY B 160 -29.36 -17.04 6.15
N TYR B 161 -29.02 -15.87 5.62
CA TYR B 161 -29.37 -14.62 6.30
C TYR B 161 -30.86 -14.56 6.50
N THR B 162 -31.24 -14.23 7.74
CA THR B 162 -32.63 -14.15 8.13
C THR B 162 -33.32 -12.78 7.92
N PHE B 163 -32.62 -11.84 7.32
CA PHE B 163 -33.21 -10.57 6.94
C PHE B 163 -32.38 -10.07 5.81
N VAL B 164 -32.97 -9.88 4.65
CA VAL B 164 -32.23 -9.40 3.47
C VAL B 164 -32.93 -8.20 2.81
N ALA B 165 -32.20 -7.11 2.64
CA ALA B 165 -32.77 -5.89 2.12
C ALA B 165 -31.86 -5.18 1.23
N ARG B 166 -32.49 -4.42 0.33
CA ARG B 166 -31.75 -3.46 -0.48
C ARG B 166 -32.23 -2.10 -0.13
N GLY B 167 -31.27 -1.21 0.05
CA GLY B 167 -31.54 0.19 0.22
C GLY B 167 -30.84 0.96 -0.87
N TYR B 168 -31.02 2.26 -0.82
CA TYR B 168 -30.47 3.12 -1.80
C TYR B 168 -30.06 4.33 -1.03
N ALA B 169 -28.85 4.83 -1.31
CA ALA B 169 -28.20 5.84 -0.47
C ALA B 169 -28.78 7.26 -0.56
N TYR B 170 -29.55 7.55 -1.61
CA TYR B 170 -30.15 8.87 -1.84
C TYR B 170 -31.54 9.01 -1.25
N ASP B 171 -32.30 7.93 -1.19
CA ASP B 171 -33.50 7.94 -0.40
C ASP B 171 -33.13 7.68 1.08
N VAL B 172 -32.62 8.75 1.69
CA VAL B 172 -32.14 8.75 3.08
C VAL B 172 -33.19 8.30 4.09
N MET B 173 -34.45 8.65 3.86
CA MET B 173 -35.47 8.46 4.89
C MET B 173 -35.91 7.00 4.90
N HIS B 174 -36.04 6.43 3.71
CA HIS B 174 -36.23 4.98 3.54
C HIS B 174 -35.04 4.16 4.14
N LEU B 175 -33.81 4.50 3.77
CA LEU B 175 -32.63 3.87 4.35
C LEU B 175 -32.62 3.82 5.86
N LYS B 176 -32.85 4.97 6.45
CA LYS B 176 -32.93 5.10 7.88
C LYS B 176 -33.83 4.02 8.49
N GLU B 177 -34.97 3.80 7.88
CA GLU B 177 -35.93 2.83 8.39
C GLU B 177 -35.55 1.36 8.08
N LEU B 178 -34.84 1.11 6.97
CA LEU B 178 -34.29 -0.23 6.66
C LEU B 178 -33.29 -0.64 7.74
N ILE B 179 -32.38 0.29 7.97
CA ILE B 179 -31.34 0.14 8.99
C ILE B 179 -31.96 -0.12 10.36
N LYS B 180 -33.11 0.51 10.65
CA LYS B 180 -33.79 0.31 11.93
C LYS B 180 -34.36 -1.05 11.98
N LYS B 181 -35.10 -1.47 10.96
CA LYS B 181 -35.68 -2.82 10.96
C LYS B 181 -34.56 -3.92 10.98
N ALA B 182 -33.44 -3.62 10.37
CA ALA B 182 -32.29 -4.50 10.31
C ALA B 182 -31.58 -4.70 11.67
N ILE B 183 -31.55 -3.66 12.50
CA ILE B 183 -30.99 -3.76 13.85
C ILE B 183 -31.99 -4.45 14.72
N LEU B 184 -33.28 -4.11 14.62
CA LEU B 184 -34.31 -4.81 15.43
C LEU B 184 -34.51 -6.26 15.04
N HIS B 185 -34.23 -6.60 13.79
CA HIS B 185 -34.34 -8.01 13.42
C HIS B 185 -33.57 -8.89 14.44
N LYS B 186 -34.23 -9.90 14.98
CA LYS B 186 -33.63 -10.87 15.85
C LYS B 186 -32.86 -11.91 14.99
N GLY B 187 -31.65 -11.51 14.57
CA GLY B 187 -30.79 -12.35 13.76
C GLY B 187 -29.86 -11.59 12.87
N SER B 188 -29.33 -12.29 11.87
CA SER B 188 -28.31 -11.71 10.98
C SER B 188 -29.03 -10.99 9.87
N ALA B 189 -28.70 -9.72 9.64
CA ALA B 189 -29.39 -8.87 8.66
C ALA B 189 -28.42 -8.26 7.70
N LEU B 190 -28.75 -8.33 6.43
CA LEU B 190 -28.06 -7.61 5.40
C LEU B 190 -28.91 -6.49 4.82
N VAL B 191 -28.27 -5.34 4.68
CA VAL B 191 -28.80 -4.26 3.84
C VAL B 191 -27.76 -3.99 2.77
N ASP B 192 -28.00 -4.39 1.51
CA ASP B 192 -27.10 -4.01 0.38
C ASP B 192 -27.52 -2.58 0.00
N ILE B 193 -26.57 -1.65 0.00
CA ILE B 193 -26.91 -0.25 -0.21
C ILE B 193 -26.27 0.24 -1.48
N LEU B 194 -27.12 0.70 -2.41
CA LEU B 194 -26.66 1.25 -3.70
C LEU B 194 -26.09 2.65 -3.49
N GLN B 195 -24.90 2.93 -4.02
CA GLN B 195 -24.18 4.20 -3.69
C GLN B 195 -23.03 4.69 -4.64
N PRO B 196 -23.36 5.48 -5.71
CA PRO B 196 -22.38 6.07 -6.71
C PRO B 196 -21.03 6.68 -6.21
N CYS B 197 -19.95 6.50 -6.99
CA CYS B 197 -18.58 6.95 -6.60
C CYS B 197 -18.03 7.95 -7.65
N PRO B 198 -18.24 9.28 -7.47
CA PRO B 198 -17.90 10.29 -8.54
C PRO B 198 -16.46 10.33 -9.11
N THR B 199 -15.45 9.89 -8.34
CA THR B 199 -14.05 9.88 -8.79
C THR B 199 -13.71 8.60 -9.61
N TYR B 200 -14.17 7.42 -9.14
CA TYR B 200 -14.08 6.11 -9.85
C TYR B 200 -15.45 5.40 -9.95
N ARG B 212 -34.01 5.05 -12.29
CA ARG B 212 -35.31 4.74 -11.69
C ARG B 212 -35.34 3.41 -10.88
N VAL B 213 -35.98 3.48 -9.69
CA VAL B 213 -36.01 2.46 -8.63
C VAL B 213 -37.47 2.28 -8.12
N TYR B 214 -37.75 1.32 -7.23
CA TYR B 214 -39.08 1.28 -6.59
C TYR B 214 -39.12 0.54 -5.25
N LYS B 215 -40.25 0.55 -4.55
CA LYS B 215 -40.25 0.12 -3.19
C LYS B 215 -41.31 -0.91 -2.91
N LEU B 216 -40.90 -1.96 -2.22
CA LEU B 216 -41.71 -3.11 -1.95
C LEU B 216 -42.69 -2.78 -0.86
N ASP B 217 -42.43 -1.72 -0.10
CA ASP B 217 -43.49 -1.15 0.76
C ASP B 217 -44.72 -0.68 -0.05
N ASN B 218 -44.47 -0.12 -1.25
CA ASN B 218 -45.52 0.31 -2.18
C ASN B 218 -46.20 -0.80 -3.02
N VAL B 219 -45.90 -2.08 -2.79
CA VAL B 219 -46.49 -3.19 -3.56
C VAL B 219 -47.57 -3.84 -2.74
N PRO B 220 -48.80 -3.93 -3.26
CA PRO B 220 -49.89 -4.45 -2.40
C PRO B 220 -49.77 -5.93 -1.94
N GLY B 221 -49.22 -6.79 -2.77
CA GLY B 221 -49.03 -8.20 -2.34
C GLY B 221 -48.11 -8.36 -1.12
N TRP B 222 -47.09 -7.50 -1.08
CA TRP B 222 -45.77 -7.81 -0.54
C TRP B 222 -45.67 -7.99 0.98
N ASP B 223 -45.59 -9.25 1.40
CA ASP B 223 -45.36 -9.63 2.78
C ASP B 223 -44.09 -10.55 2.89
N PRO B 224 -42.90 -9.96 3.20
CA PRO B 224 -41.64 -10.73 3.23
C PRO B 224 -41.41 -11.42 4.56
N VAL B 225 -42.30 -11.17 5.53
CA VAL B 225 -42.20 -11.70 6.88
C VAL B 225 -42.71 -13.09 6.90
N VAL B 226 -41.93 -13.98 7.50
CA VAL B 226 -42.32 -15.35 7.76
C VAL B 226 -42.94 -15.28 9.13
N ARG B 227 -44.18 -15.80 9.27
CA ARG B 227 -44.94 -15.76 10.55
C ARG B 227 -45.28 -17.15 11.13
N LYS B 228 -45.20 -18.20 10.33
CA LYS B 228 -45.13 -19.57 10.89
C LYS B 228 -44.27 -20.43 9.97
N GLU B 229 -43.85 -21.57 10.48
CA GLU B 229 -42.77 -22.35 9.89
C GLU B 229 -43.10 -22.86 8.45
N GLU B 230 -44.23 -23.54 8.31
CA GLU B 230 -44.81 -23.88 6.97
C GLU B 230 -44.74 -22.77 5.88
N GLU B 231 -44.70 -21.51 6.29
CA GLU B 231 -44.65 -20.36 5.34
C GLU B 231 -43.23 -20.10 4.75
N ALA B 232 -42.21 -20.72 5.35
CA ALA B 232 -40.85 -20.26 5.19
C ALA B 232 -40.34 -20.46 3.76
N GLN B 233 -40.51 -21.66 3.19
CA GLN B 233 -39.98 -21.93 1.82
C GLN B 233 -40.55 -20.96 0.80
N LYS B 234 -41.86 -20.77 0.88
CA LYS B 234 -42.57 -19.88 -0.04
C LYS B 234 -41.94 -18.46 -0.04
N LYS B 235 -41.72 -17.94 1.16
CA LYS B 235 -41.21 -16.56 1.28
C LYS B 235 -39.76 -16.50 0.79
N PHE B 236 -38.99 -17.52 1.16
CA PHE B 236 -37.61 -17.63 0.69
C PHE B 236 -37.57 -17.58 -0.87
N GLU B 237 -38.30 -18.53 -1.49
CA GLU B 237 -38.39 -18.64 -2.97
C GLU B 237 -38.78 -17.30 -3.64
N GLN B 238 -39.77 -16.62 -3.09
CA GLN B 238 -40.14 -15.25 -3.52
C GLN B 238 -39.01 -14.27 -3.42
N ALA B 239 -38.31 -14.27 -2.27
CA ALA B 239 -37.23 -13.24 -2.05
C ALA B 239 -36.13 -13.42 -3.08
N ILE B 240 -35.77 -14.68 -3.28
CA ILE B 240 -34.66 -15.00 -4.12
C ILE B 240 -34.99 -14.62 -5.57
N MET B 241 -36.24 -14.78 -5.99
CA MET B 241 -36.61 -14.33 -7.35
C MET B 241 -36.81 -12.84 -7.41
N LYS B 242 -37.48 -12.24 -6.43
CA LYS B 242 -37.45 -10.77 -6.48
C LYS B 242 -36.05 -10.21 -6.56
N SER B 243 -35.12 -10.85 -5.83
CA SER B 243 -33.74 -10.31 -5.76
C SER B 243 -33.04 -10.27 -7.06
N TYR B 244 -33.52 -11.01 -8.06
CA TYR B 244 -32.91 -10.99 -9.41
C TYR B 244 -33.50 -9.94 -10.36
N GLU B 245 -34.76 -9.57 -10.13
CA GLU B 245 -35.42 -8.49 -10.86
C GLU B 245 -34.52 -7.25 -10.93
N TRP B 246 -34.33 -6.76 -12.15
CA TRP B 246 -33.37 -5.66 -12.42
C TRP B 246 -33.57 -4.92 -13.78
N GLY B 247 -34.66 -5.17 -14.55
CA GLY B 247 -34.87 -4.50 -15.88
C GLY B 247 -35.41 -3.07 -15.78
N GLU B 248 -34.56 -2.18 -15.26
CA GLU B 248 -34.95 -0.91 -14.59
C GLU B 248 -36.39 -0.84 -13.97
N LYS B 249 -36.67 -1.89 -13.21
CA LYS B 249 -37.79 -1.96 -12.30
C LYS B 249 -37.06 -2.51 -11.03
N ILE B 250 -36.20 -1.67 -10.42
CA ILE B 250 -35.20 -2.13 -9.43
C ILE B 250 -35.76 -2.00 -8.03
N PRO B 251 -36.11 -3.13 -7.41
CA PRO B 251 -36.74 -3.01 -6.13
C PRO B 251 -35.79 -2.58 -4.95
N ILE B 252 -36.40 -2.12 -3.86
CA ILE B 252 -35.69 -1.75 -2.63
C ILE B 252 -36.67 -1.94 -1.51
N GLY B 253 -36.16 -2.01 -0.29
CA GLY B 253 -36.92 -2.53 0.83
C GLY B 253 -36.48 -3.93 1.21
N ILE B 254 -37.33 -4.57 1.96
CA ILE B 254 -37.07 -5.82 2.57
C ILE B 254 -37.52 -6.92 1.61
N PHE B 255 -36.64 -7.90 1.35
CA PHE B 255 -36.97 -9.06 0.57
C PHE B 255 -37.38 -10.29 1.35
N TYR B 256 -36.90 -10.40 2.59
CA TYR B 256 -37.10 -11.62 3.39
C TYR B 256 -36.84 -11.30 4.83
N GLN B 257 -37.59 -11.95 5.72
CA GLN B 257 -37.44 -11.81 7.13
C GLN B 257 -38.09 -12.97 7.82
N ASN B 258 -37.31 -13.66 8.63
CA ASN B 258 -37.78 -14.79 9.37
C ASN B 258 -37.14 -14.78 10.75
N GLU B 259 -37.93 -14.39 11.75
CA GLU B 259 -37.51 -14.40 13.14
C GLU B 259 -37.75 -15.70 13.86
N LEU B 260 -38.19 -16.72 13.16
CA LEU B 260 -38.37 -18.01 13.80
C LEU B 260 -37.09 -18.87 13.86
N VAL B 261 -36.01 -18.41 13.24
CA VAL B 261 -34.76 -19.17 13.23
C VAL B 261 -34.11 -18.79 14.56
N PRO B 262 -33.79 -19.76 15.41
CA PRO B 262 -32.98 -19.45 16.60
C PRO B 262 -31.73 -18.67 16.21
N THR B 263 -31.39 -17.64 16.97
CA THR B 263 -30.12 -16.94 16.80
C THR B 263 -28.95 -17.81 17.29
N PHE B 264 -27.77 -17.45 16.86
CA PHE B 264 -26.57 -18.09 17.52
C PHE B 264 -26.63 -17.96 19.04
N GLU B 265 -27.04 -16.79 19.53
CA GLU B 265 -27.14 -16.57 20.98
C GLU B 265 -28.21 -17.51 21.64
N ASP B 266 -29.31 -17.79 20.94
CA ASP B 266 -30.31 -18.81 21.40
C ASP B 266 -29.66 -20.17 21.58
N ARG B 267 -28.85 -20.58 20.60
CA ARG B 267 -28.16 -21.89 20.67
C ARG B 267 -27.09 -21.88 21.78
N LEU B 268 -26.39 -20.76 21.99
CA LEU B 268 -25.44 -20.72 23.10
C LEU B 268 -26.19 -20.94 24.42
N THR B 269 -27.35 -20.29 24.57
CA THR B 269 -28.14 -20.42 25.81
C THR B 269 -28.57 -21.90 26.09
N SER B 270 -28.87 -22.70 25.09
CA SER B 270 -29.12 -24.16 25.32
C SER B 270 -27.94 -24.90 25.95
N ASN B 271 -26.70 -24.45 25.68
CA ASN B 271 -25.47 -25.05 26.28
C ASN B 271 -25.00 -24.31 27.52
N ILE B 272 -25.35 -23.02 27.63
CA ILE B 272 -24.90 -22.17 28.71
C ILE B 272 -26.14 -21.44 29.26
N PRO B 273 -26.89 -22.09 30.19
CA PRO B 273 -28.19 -21.59 30.65
C PRO B 273 -28.27 -20.08 31.03
N ASN B 274 -27.26 -19.55 31.67
CA ASN B 274 -27.26 -18.16 32.10
C ASN B 274 -26.40 -17.23 31.21
N TYR B 275 -26.22 -17.61 29.93
CA TYR B 275 -25.41 -16.82 28.99
C TYR B 275 -25.94 -15.40 28.97
N ARG B 276 -27.26 -15.23 28.88
CA ARG B 276 -27.84 -13.89 28.78
C ARG B 276 -27.67 -12.98 30.01
N GLU B 277 -27.62 -13.58 31.19
CA GLU B 277 -27.50 -12.88 32.47
C GLU B 277 -26.08 -12.73 32.92
N TYR B 278 -25.21 -13.65 32.49
CA TYR B 278 -23.81 -13.67 32.92
C TYR B 278 -22.83 -14.05 31.74
N TYR B 279 -22.87 -13.26 30.68
CA TYR B 279 -22.12 -13.52 29.43
C TYR B 279 -20.61 -13.26 29.70
N PRO B 280 -19.72 -13.81 28.82
CA PRO B 280 -18.33 -13.67 29.10
C PRO B 280 -17.88 -12.29 29.54
N ALA B 281 -18.23 -11.19 28.88
CA ALA B 281 -17.73 -9.83 29.34
C ALA B 281 -18.13 -9.38 30.77
N LYS B 282 -19.13 -10.05 31.33
CA LYS B 282 -19.77 -9.64 32.60
C LYS B 282 -19.20 -10.43 33.77
N GLN B 283 -18.53 -11.56 33.51
CA GLN B 283 -18.17 -12.44 34.60
C GLN B 283 -16.95 -11.94 35.36
N GLN B 284 -17.05 -11.98 36.68
CA GLN B 284 -15.95 -11.71 37.60
C GLN B 284 -14.97 -12.91 37.68
N ILE B 285 -13.81 -12.78 37.04
CA ILE B 285 -12.84 -13.91 36.92
C ILE B 285 -11.71 -13.86 37.99
N GLU B 286 -11.69 -12.79 38.78
CA GLU B 286 -10.64 -12.55 39.73
C GLU B 286 -11.20 -11.72 40.96
N ILE B 287 -10.82 -12.05 42.20
CA ILE B 287 -11.03 -11.16 43.39
C ILE B 287 -9.67 -10.98 44.02
N ASN B 288 -9.29 -9.73 44.20
CA ASN B 288 -7.95 -9.37 44.69
C ASN B 288 -6.86 -10.17 44.06
N GLY B 289 -6.95 -10.34 42.74
CA GLY B 289 -5.97 -11.00 41.91
C GLY B 289 -5.86 -12.50 42.05
N ILE B 290 -6.93 -13.14 42.51
CA ILE B 290 -6.93 -14.58 42.71
C ILE B 290 -8.08 -15.08 41.87
N SER B 291 -7.81 -16.14 41.06
CA SER B 291 -8.83 -16.68 40.15
C SER B 291 -10.13 -17.05 40.91
N THR B 292 -11.29 -16.75 40.33
CA THR B 292 -12.55 -17.21 40.89
C THR B 292 -12.96 -18.54 40.28
N THR B 293 -12.19 -19.02 39.30
CA THR B 293 -12.57 -20.21 38.54
C THR B 293 -12.14 -21.49 39.17
N LYS B 294 -13.09 -22.38 39.47
CA LYS B 294 -12.77 -23.66 40.09
C LYS B 294 -12.60 -24.76 39.05
N ILE B 295 -11.47 -25.40 39.06
CA ILE B 295 -11.17 -26.53 38.18
C ILE B 295 -10.95 -27.82 38.94
N ASP B 296 -11.35 -27.81 40.21
CA ASP B 296 -11.14 -28.99 41.09
C ASP B 296 -11.76 -30.25 40.50
N GLU B 297 -12.99 -30.14 40.06
CA GLU B 297 -13.68 -31.28 39.44
C GLU B 297 -12.96 -31.71 38.16
N LEU B 298 -12.41 -30.75 37.40
CA LEU B 298 -11.68 -31.10 36.18
C LEU B 298 -10.48 -31.95 36.55
N ILE B 299 -9.73 -31.47 37.53
CA ILE B 299 -8.54 -32.18 38.02
C ILE B 299 -8.94 -33.55 38.67
N LYS B 300 -9.96 -33.52 39.53
CA LYS B 300 -10.47 -34.80 40.19
C LYS B 300 -10.76 -35.89 39.17
N ALA B 301 -11.37 -35.49 38.06
CA ALA B 301 -11.69 -36.48 37.03
C ALA B 301 -10.43 -37.15 36.43
N LYS B 302 -9.23 -36.61 36.64
CA LYS B 302 -7.98 -37.21 36.12
C LYS B 302 -7.16 -37.95 37.17
N ARG B 303 -7.70 -38.11 38.38
CA ARG B 303 -6.96 -38.80 39.46
C ARG B 303 -6.71 -40.29 39.18
N ILE B 304 -5.58 -40.80 39.65
CA ILE B 304 -5.29 -42.25 39.75
C ILE B 304 -6.01 -42.95 40.94
C PYR C . -4.34 1.14 0.86
O PYR C . -4.61 2.26 0.28
OXT PYR C . -3.58 0.32 0.27
CA PYR C . -4.86 0.74 2.24
O3 PYR C . -4.56 -0.37 2.75
CB PYR C . -5.78 1.65 3.05
FE1 SF4 D . -16.20 8.37 -2.12
FE2 SF4 D . -13.50 6.90 -1.94
FE3 SF4 D . -13.68 9.60 -3.38
FE4 SF4 D . -14.90 7.09 -4.67
S1 SF4 D . -12.98 7.64 -3.90
S2 SF4 D . -15.64 9.05 -4.06
S3 SF4 D . -15.49 6.42 -2.70
S4 SF4 D . -14.21 8.83 -1.42
N1' TPP E . -5.19 -6.31 1.41
C2' TPP E . -5.21 -6.25 2.77
CM2 TPP E . -5.21 -7.53 3.55
N3' TPP E . -5.24 -5.06 3.45
C4' TPP E . -5.23 -3.86 2.83
N4' TPP E . -5.23 -2.73 3.58
C5' TPP E . -5.27 -3.89 1.32
C6' TPP E . -5.24 -5.18 0.71
C7' TPP E . -5.29 -2.66 0.42
N3 TPP E . -6.54 -1.88 0.19
C2 TPP E . -6.95 -0.94 1.04
S1 TPP E . -8.35 0.03 0.74
C5 TPP E . -8.47 -0.89 -0.72
C4 TPP E . -7.39 -1.89 -0.87
CM4 TPP E . -7.32 -2.75 -2.08
C6 TPP E . -9.68 -0.52 -1.53
C7 TPP E . -10.84 -1.25 -0.85
O7 TPP E . -12.01 -1.25 -1.65
PA TPP E . -13.50 -1.39 -1.01
O1A TPP E . -14.41 -1.55 -2.22
O2A TPP E . -13.54 -2.45 0.06
O3A TPP E . -13.76 0.02 -0.21
PB TPP E . -14.11 1.52 -0.80
O1B TPP E . -12.82 2.34 -0.79
O2B TPP E . -15.13 1.93 0.25
O3B TPP E . -14.63 1.36 -2.23
MG MG F . -16.42 -0.12 -1.88
#